data_3SGK
#
_entry.id   3SGK
#
_cell.length_a   67.343
_cell.length_b   88.227
_cell.length_c   141.133
_cell.angle_alpha   90.00
_cell.angle_beta   90.00
_cell.angle_gamma   90.00
#
_symmetry.space_group_name_H-M   'P 21 21 21'
#
loop_
_entity.id
_entity.type
_entity.pdbx_description
1 polymer 'Fc fragment'
2 polymer 'human Fcg3a receptor'
3 branched 2-acetamido-2-deoxy-beta-D-glucopyranose-(1-2)-alpha-D-mannopyranose-(1-3)-[2-acetamido-2-deoxy-beta-D-glucopyranose-(1-2)-alpha-D-mannopyranose-(1-6)][2-acetamido-2-deoxy-beta-D-glucopyranose-(1-4)]beta-D-mannopyranose-(1-4)-2-acetamido-2-deoxy-beta-D-glucopyranose-(1-4)-2-acetamido-2-deoxy-beta-D-glucopyranose
4 branched alpha-D-mannopyranose-(1-2)-alpha-D-mannopyranose-(1-3)-[alpha-D-mannopyranose-(1-3)-[alpha-D-mannopyranose-(1-6)]alpha-D-mannopyranose-(1-6)]beta-D-mannopyranose-(1-4)-2-acetamido-2-deoxy-beta-D-glucopyranose-(1-4)-2-acetamido-2-deoxy-beta-D-glucopyranose
5 branched 2-acetamido-2-deoxy-beta-D-glucopyranose-(1-4)-2-acetamido-2-deoxy-beta-D-glucopyranose
6 non-polymer 'MALONATE ION'
7 water water
#
loop_
_entity_poly.entity_id
_entity_poly.type
_entity_poly.pdbx_seq_one_letter_code
_entity_poly.pdbx_strand_id
1 'polypeptide(L)'
;THTCPPCPAPELLGGPSVFLFPPKPKDTLMISRTPEVTCVVVDVSHEDPEVKFNWYVDGVEVHNAKTKPREEQYNSTYRV
VSVLTVLHQDWLNGKEYKCKVSNKALPAPIEKTISKAKGQPREPQVYTLPPSRDELTKNQVSLTCLVKGFYPSDIAVEWE
SNGQPENNYKTTPPVLDSDGSFFLYSKLTVDKSRWQQGNVFSCSVMHEALHNHYTQKSLSLSPGK
;
A,B
2 'polypeptide(L)'
;RTEDLPKAVVFLEPQWYRVLEKDSVTLKCQGAYSPEDQSTQWFHNESLISSQASSYFIDAATVDDSGEYRCQTQLSTLSD
PVQLEVHIGWLLLQAPRWVFKEEDPIHLRCHSWKNTALHKVTYLQNGKGRKYFHHNSDFYIPKATLKDSGSYFCRGLVGS
KNVSSETVQITITQGLAVSTISSFFPPGYQGKKKKKKGHHHHHH
;
C
#
loop_
_chem_comp.id
_chem_comp.type
_chem_comp.name
_chem_comp.formula
BMA D-saccharide, beta linking beta-D-mannopyranose 'C6 H12 O6'
MAN D-saccharide, alpha linking alpha-D-mannopyranose 'C6 H12 O6'
MLI non-polymer 'MALONATE ION' 'C3 H2 O4 -2'
NAG D-saccharide, beta linking 2-acetamido-2-deoxy-beta-D-glucopyranose 'C8 H15 N O6'
#
# COMPACT_ATOMS: atom_id res chain seq x y z
N GLY A 14 5.56 -11.24 16.15
CA GLY A 14 5.42 -11.53 17.61
C GLY A 14 4.46 -10.59 18.32
N GLY A 15 4.81 -10.18 19.54
CA GLY A 15 3.98 -9.30 20.36
C GLY A 15 3.40 -8.03 19.73
N PRO A 16 2.96 -7.08 20.58
CA PRO A 16 2.37 -5.81 20.12
C PRO A 16 3.38 -4.97 19.38
N SER A 17 2.89 -4.05 18.55
CA SER A 17 3.73 -3.17 17.76
C SER A 17 3.47 -1.71 18.13
N VAL A 18 4.51 -0.87 17.99
CA VAL A 18 4.50 0.50 18.46
C VAL A 18 4.71 1.46 17.28
N PHE A 19 3.90 2.51 17.22
CA PHE A 19 4.09 3.55 16.21
C PHE A 19 4.12 4.91 16.87
N LEU A 20 5.21 5.64 16.64
CA LEU A 20 5.44 6.95 17.29
C LEU A 20 5.27 8.04 16.25
N PHE A 21 4.25 8.87 16.45
CA PHE A 21 3.86 9.89 15.48
C PHE A 21 4.31 11.27 15.92
N PRO A 22 4.84 12.08 14.99
CA PRO A 22 5.28 13.40 15.35
C PRO A 22 4.09 14.36 15.38
N PRO A 23 4.30 15.60 15.86
CA PRO A 23 3.22 16.59 15.88
C PRO A 23 2.86 17.07 14.47
N LYS A 24 1.65 17.61 14.32
CA LYS A 24 1.30 18.32 13.11
C LYS A 24 2.25 19.53 12.99
N PRO A 25 2.82 19.76 11.79
CA PRO A 25 3.75 20.88 11.62
C PRO A 25 3.13 22.23 11.94
N LYS A 26 1.86 22.41 11.61
CA LYS A 26 1.15 23.64 11.93
C LYS A 26 1.10 23.83 13.44
N ASP A 27 0.91 22.74 14.18
CA ASP A 27 0.86 22.79 15.63
C ASP A 27 2.21 23.26 16.23
N THR A 28 3.33 22.87 15.62
CA THR A 28 4.64 23.27 16.14
C THR A 28 4.97 24.73 15.86
N LEU A 29 4.15 25.38 15.04
CA LEU A 29 4.49 26.69 14.53
C LEU A 29 3.60 27.81 15.07
N MET A 30 2.40 27.46 15.52
CA MET A 30 1.43 28.43 16.03
C MET A 30 1.37 28.47 17.55
N ILE A 31 1.36 29.67 18.10
CA ILE A 31 1.33 29.90 19.54
C ILE A 31 0.03 29.39 20.15
N SER A 32 -1.07 29.61 19.46
CA SER A 32 -2.41 29.20 19.90
C SER A 32 -2.59 27.68 19.95
N ARG A 33 -1.73 26.94 19.26
CA ARG A 33 -1.82 25.48 19.27
C ARG A 33 -0.89 24.79 20.26
N THR A 34 -1.16 23.51 20.49
CA THR A 34 -0.34 22.69 21.36
C THR A 34 0.07 21.40 20.67
N PRO A 35 1.32 21.32 20.19
CA PRO A 35 1.79 20.11 19.52
C PRO A 35 1.93 18.95 20.48
N GLU A 36 1.76 17.73 19.95
CA GLU A 36 1.83 16.51 20.74
C GLU A 36 2.54 15.43 19.96
N VAL A 37 3.18 14.54 20.70
CA VAL A 37 3.76 13.34 20.13
C VAL A 37 2.87 12.20 20.58
N THR A 38 2.64 11.25 19.69
CA THR A 38 1.66 10.22 19.94
C THR A 38 2.25 8.86 19.75
N CYS A 39 2.17 8.08 20.83
CA CYS A 39 2.71 6.74 20.84
C CYS A 39 1.57 5.74 20.88
N VAL A 40 1.48 4.90 19.84
CA VAL A 40 0.34 3.98 19.65
C VAL A 40 0.80 2.53 19.69
N VAL A 41 0.13 1.77 20.55
CA VAL A 41 0.44 0.36 20.70
C VAL A 41 -0.77 -0.43 20.21
N VAL A 42 -0.52 -1.37 19.30
CA VAL A 42 -1.56 -2.17 18.69
C VAL A 42 -1.18 -3.62 18.85
N ASP A 43 -2.10 -4.53 18.53
CA ASP A 43 -1.88 -5.97 18.70
C ASP A 43 -1.54 -6.34 20.15
N VAL A 44 -2.19 -5.68 21.09
CA VAL A 44 -2.08 -6.02 22.49
C VAL A 44 -3.09 -7.09 22.77
N SER A 45 -2.64 -8.22 23.31
CA SER A 45 -3.52 -9.39 23.48
C SER A 45 -4.43 -9.27 24.70
N HIS A 46 -5.46 -10.12 24.74
CA HIS A 46 -6.38 -10.17 25.88
C HIS A 46 -5.74 -10.82 27.05
N GLU A 47 -4.79 -11.71 26.77
CA GLU A 47 -4.06 -12.46 27.79
C GLU A 47 -3.13 -11.55 28.56
N ASP A 48 -2.40 -10.72 27.83
CA ASP A 48 -1.44 -9.78 28.43
C ASP A 48 -1.82 -8.37 28.04
N PRO A 49 -2.81 -7.79 28.74
CA PRO A 49 -3.35 -6.50 28.29
C PRO A 49 -2.73 -5.27 28.93
N GLU A 50 -1.92 -5.43 29.96
CA GLU A 50 -1.30 -4.28 30.62
C GLU A 50 -0.17 -3.67 29.77
N VAL A 51 -0.23 -2.36 29.59
CA VAL A 51 0.79 -1.64 28.84
C VAL A 51 1.35 -0.47 29.66
N LYS A 52 2.67 -0.39 29.74
CA LYS A 52 3.32 0.65 30.51
C LYS A 52 4.10 1.50 29.54
N PHE A 53 4.01 2.82 29.74
CA PHE A 53 4.74 3.77 28.93
C PHE A 53 5.76 4.49 29.79
N ASN A 54 6.95 4.69 29.22
CA ASN A 54 7.93 5.61 29.76
C ASN A 54 8.35 6.55 28.65
N TRP A 55 8.40 7.86 28.93
CA TRP A 55 8.80 8.84 27.94
C TRP A 55 9.99 9.61 28.36
N TYR A 56 10.82 9.96 27.37
CA TYR A 56 12.05 10.67 27.61
C TYR A 56 12.18 11.80 26.62
N VAL A 57 12.70 12.92 27.11
CA VAL A 57 13.03 14.03 26.24
C VAL A 57 14.53 14.21 26.39
N ASP A 58 15.26 14.11 25.27
CA ASP A 58 16.73 14.14 25.27
C ASP A 58 17.36 13.25 26.34
N GLY A 59 16.73 12.14 26.65
CA GLY A 59 17.29 11.16 27.58
C GLY A 59 16.80 11.25 29.00
N VAL A 60 16.15 12.35 29.37
CA VAL A 60 15.59 12.47 30.72
C VAL A 60 14.08 12.19 30.74
N GLU A 61 13.69 11.31 31.66
CA GLU A 61 12.32 10.88 31.80
C GLU A 61 11.37 12.02 32.21
N VAL A 62 10.24 12.10 31.52
CA VAL A 62 9.17 13.03 31.86
C VAL A 62 7.94 12.27 32.33
N HIS A 63 7.12 12.88 33.18
CA HIS A 63 6.01 12.16 33.80
C HIS A 63 4.64 12.69 33.51
N ASN A 64 4.51 13.50 32.47
CA ASN A 64 3.25 14.21 32.22
C ASN A 64 2.52 13.75 30.96
N ALA A 65 2.89 12.60 30.41
CA ALA A 65 2.14 12.03 29.30
C ALA A 65 0.72 11.70 29.74
N LYS A 66 -0.22 11.80 28.81
CA LYS A 66 -1.59 11.39 29.09
C LYS A 66 -1.84 10.08 28.37
N THR A 67 -2.13 9.04 29.15
CA THR A 67 -2.37 7.72 28.59
C THR A 67 -3.87 7.43 28.64
N LYS A 68 -4.43 7.03 27.50
CA LYS A 68 -5.85 6.73 27.37
C LYS A 68 -6.17 5.29 27.79
N PRO A 69 -7.43 5.02 28.19
CA PRO A 69 -7.84 3.64 28.47
C PRO A 69 -7.73 2.76 27.23
N ARG A 70 -7.32 1.49 27.41
CA ARG A 70 -7.20 0.58 26.26
C ARG A 70 -8.54 0.43 25.55
N GLU A 71 -8.52 0.44 24.23
CA GLU A 71 -9.74 0.22 23.46
C GLU A 71 -9.68 -1.06 22.63
N GLU A 72 -10.62 -1.95 22.90
CA GLU A 72 -10.82 -3.20 22.16
C GLU A 72 -11.18 -2.87 20.71
N GLN A 73 -10.44 -3.43 19.76
CA GLN A 73 -10.69 -3.20 18.35
C GLN A 73 -11.61 -4.28 17.79
N TYR A 74 -12.18 -4.04 16.61
CA TYR A 74 -13.05 -5.02 15.96
C TYR A 74 -12.38 -6.40 15.80
N ASN A 75 -11.07 -6.43 15.57
CA ASN A 75 -10.32 -7.68 15.45
C ASN A 75 -10.02 -8.38 16.78
N SER A 76 -10.52 -7.81 17.88
CA SER A 76 -10.34 -8.35 19.25
C SER A 76 -8.92 -8.17 19.84
N THR A 77 -8.18 -7.18 19.37
CA THR A 77 -6.95 -6.82 20.04
C THR A 77 -7.22 -5.52 20.77
N TYR A 78 -6.32 -5.14 21.67
CA TYR A 78 -6.39 -3.84 22.30
C TYR A 78 -5.52 -2.86 21.56
N ARG A 79 -5.89 -1.58 21.68
CA ARG A 79 -5.11 -0.47 21.17
C ARG A 79 -4.99 0.56 22.30
N VAL A 80 -3.76 0.92 22.63
CA VAL A 80 -3.50 1.83 23.74
C VAL A 80 -2.66 2.96 23.18
N VAL A 81 -3.03 4.18 23.55
CA VAL A 81 -2.43 5.39 23.04
C VAL A 81 -1.94 6.22 24.21
N SER A 82 -0.73 6.76 24.10
CA SER A 82 -0.24 7.71 25.09
C SER A 82 0.20 8.94 24.32
N VAL A 83 -0.22 10.10 24.80
CA VAL A 83 0.04 11.36 24.13
C VAL A 83 0.89 12.25 25.03
N LEU A 84 1.99 12.77 24.49
CA LEU A 84 2.85 13.68 25.25
C LEU A 84 2.79 15.06 24.66
N THR A 85 2.34 16.01 25.44
CA THR A 85 2.35 17.40 25.01
C THR A 85 3.80 17.91 24.94
N VAL A 86 4.15 18.60 23.86
CA VAL A 86 5.52 19.12 23.75
C VAL A 86 5.59 20.63 23.66
N LEU A 87 6.73 21.16 24.05
CA LEU A 87 7.05 22.56 23.84
C LEU A 87 7.43 22.83 22.37
N HIS A 88 6.86 23.87 21.75
CA HIS A 88 7.18 24.19 20.35
C HIS A 88 8.68 24.29 20.14
N GLN A 89 9.37 25.01 21.02
CA GLN A 89 10.81 25.22 20.92
C GLN A 89 11.61 23.96 21.12
N ASP A 90 11.14 23.09 22.01
CA ASP A 90 11.87 21.86 22.26
C ASP A 90 11.92 21.12 20.94
N TRP A 91 10.75 20.92 20.34
CA TRP A 91 10.68 20.22 19.08
C TRP A 91 11.48 20.92 18.04
N LEU A 92 11.27 22.23 17.88
CA LEU A 92 11.95 22.97 16.82
C LEU A 92 13.47 23.01 16.99
N ASN A 93 13.96 22.86 18.21
CA ASN A 93 15.41 22.78 18.46
C ASN A 93 15.98 21.38 18.37
N GLY A 94 15.20 20.43 17.86
CA GLY A 94 15.72 19.09 17.61
C GLY A 94 15.86 18.14 18.79
N LYS A 95 15.25 18.45 19.94
CA LYS A 95 15.20 17.49 21.05
C LYS A 95 14.56 16.15 20.62
N GLU A 96 15.00 15.05 21.22
CA GLU A 96 14.50 13.72 20.85
C GLU A 96 13.44 13.23 21.80
N TYR A 97 12.39 12.62 21.26
CA TYR A 97 11.29 12.12 22.07
C TYR A 97 11.22 10.62 21.98
N LYS A 98 11.34 9.98 23.15
CA LYS A 98 11.39 8.55 23.20
C LYS A 98 10.18 8.02 23.92
N CYS A 99 9.49 7.08 23.28
CA CYS A 99 8.41 6.34 23.88
C CYS A 99 8.90 4.92 24.11
N LYS A 100 8.88 4.48 25.38
CA LYS A 100 9.23 3.12 25.75
C LYS A 100 8.00 2.39 26.23
N VAL A 101 7.73 1.25 25.59
CA VAL A 101 6.54 0.46 25.84
C VAL A 101 6.91 -0.88 26.45
N SER A 102 6.33 -1.18 27.60
CA SER A 102 6.51 -2.47 28.26
C SER A 102 5.20 -3.25 28.29
N ASN A 103 5.30 -4.56 28.07
CA ASN A 103 4.15 -5.48 28.03
C ASN A 103 4.65 -6.93 28.20
N LYS A 104 3.92 -7.75 28.96
CA LYS A 104 4.33 -9.14 29.23
C LYS A 104 4.75 -9.95 27.99
N ALA A 105 4.07 -9.73 26.87
CA ALA A 105 4.33 -10.53 25.65
C ALA A 105 5.63 -10.14 24.91
N LEU A 106 6.25 -9.04 25.33
CA LEU A 106 7.56 -8.66 24.82
C LEU A 106 8.65 -9.09 25.80
N PRO A 107 9.74 -9.68 25.28
CA PRO A 107 10.87 -10.08 26.13
C PRO A 107 11.58 -8.86 26.72
N ALA A 108 11.66 -7.80 25.91
CA ALA A 108 12.31 -6.54 26.26
C ALA A 108 11.37 -5.43 25.82
N PRO A 109 11.44 -4.24 26.47
CA PRO A 109 10.56 -3.16 26.02
C PRO A 109 10.91 -2.71 24.60
N ILE A 110 9.91 -2.18 23.89
CA ILE A 110 10.11 -1.54 22.59
C ILE A 110 10.33 -0.04 22.78
N GLU A 111 11.38 0.48 22.17
CA GLU A 111 11.76 1.90 22.26
C GLU A 111 11.55 2.55 20.91
N LYS A 112 10.88 3.70 20.86
CA LYS A 112 10.84 4.49 19.62
C LYS A 112 11.29 5.91 19.92
N THR A 113 12.09 6.47 19.02
CA THR A 113 12.53 7.84 19.16
C THR A 113 12.19 8.61 17.89
N ILE A 114 11.66 9.80 18.07
CA ILE A 114 11.40 10.71 16.97
C ILE A 114 11.94 12.12 17.31
N SER A 115 12.27 12.88 16.28
CA SER A 115 12.71 14.26 16.41
C SER A 115 12.43 14.97 15.09
N LYS A 116 12.53 16.29 15.10
CA LYS A 116 12.39 17.06 13.87
C LYS A 116 13.51 16.63 12.92
N ALA A 117 13.22 16.63 11.63
CA ALA A 117 14.23 16.37 10.60
C ALA A 117 15.44 17.31 10.69
N LYS A 118 16.62 16.75 10.52
CA LYS A 118 17.86 17.50 10.68
C LYS A 118 18.23 18.29 9.42
N GLY A 119 18.96 19.38 9.61
CA GLY A 119 19.45 20.20 8.51
C GLY A 119 19.21 21.67 8.76
N GLN A 120 19.97 22.53 8.09
CA GLN A 120 19.85 23.97 8.26
C GLN A 120 18.55 24.48 7.62
N PRO A 121 17.65 25.08 8.44
CA PRO A 121 16.42 25.69 7.93
C PRO A 121 16.66 26.78 6.87
N ARG A 122 15.98 26.69 5.73
CA ARG A 122 16.04 27.73 4.69
C ARG A 122 14.68 28.39 4.57
N GLU A 123 14.69 29.72 4.57
CA GLU A 123 13.45 30.52 4.47
C GLU A 123 12.76 30.40 3.08
N PRO A 124 11.50 29.93 3.07
CA PRO A 124 10.76 29.87 1.80
C PRO A 124 10.47 31.24 1.24
N GLN A 125 10.47 31.35 -0.09
CA GLN A 125 9.97 32.53 -0.79
C GLN A 125 8.58 32.17 -1.29
N VAL A 126 7.66 33.12 -1.21
CA VAL A 126 6.26 32.87 -1.57
C VAL A 126 5.81 33.81 -2.68
N TYR A 127 5.25 33.26 -3.75
CA TYR A 127 4.75 34.06 -4.86
C TYR A 127 3.35 33.64 -5.27
N THR A 128 2.51 34.62 -5.60
CA THR A 128 1.17 34.36 -6.13
C THR A 128 1.12 34.68 -7.62
N LEU A 129 0.36 33.87 -8.35
CA LEU A 129 0.32 33.96 -9.80
C LEU A 129 -1.13 34.02 -10.30
N PRO A 130 -1.48 35.07 -11.06
CA PRO A 130 -2.84 35.18 -11.61
C PRO A 130 -3.07 34.09 -12.66
N PRO A 131 -4.33 33.84 -13.03
CA PRO A 131 -4.60 32.86 -14.07
C PRO A 131 -3.99 33.29 -15.42
N SER A 132 -3.58 32.31 -16.22
CA SER A 132 -3.19 32.55 -17.60
C SER A 132 -4.38 33.15 -18.33
N ARG A 133 -4.14 34.14 -19.18
CA ARG A 133 -5.21 34.79 -19.95
C ARG A 133 -6.12 33.73 -20.60
N ASP A 134 -5.50 32.68 -21.12
CA ASP A 134 -6.19 31.53 -21.73
C ASP A 134 -7.28 30.90 -20.87
N GLU A 135 -7.12 30.96 -19.54
CA GLU A 135 -8.06 30.31 -18.61
C GLU A 135 -9.38 31.07 -18.45
N LEU A 136 -9.46 32.25 -19.05
CA LEU A 136 -10.63 33.12 -18.87
C LEU A 136 -11.88 32.74 -19.67
N THR A 137 -11.74 31.79 -20.58
CA THR A 137 -12.89 31.25 -21.29
C THR A 137 -13.62 30.22 -20.41
N LYS A 138 -12.88 29.65 -19.46
CA LYS A 138 -13.40 28.72 -18.46
C LYS A 138 -14.29 29.43 -17.44
N ASN A 139 -15.15 28.68 -16.76
CA ASN A 139 -16.09 29.26 -15.78
C ASN A 139 -15.46 29.43 -14.41
N GLN A 140 -14.43 28.64 -14.12
CA GLN A 140 -13.63 28.84 -12.92
C GLN A 140 -12.16 29.02 -13.25
N VAL A 141 -11.46 29.80 -12.43
CA VAL A 141 -10.06 30.11 -12.68
C VAL A 141 -9.16 29.57 -11.57
N SER A 142 -7.90 29.34 -11.93
CA SER A 142 -6.93 28.78 -11.00
C SER A 142 -6.04 29.89 -10.52
N LEU A 143 -6.02 30.09 -9.20
CA LEU A 143 -5.08 31.03 -8.60
C LEU A 143 -3.93 30.20 -8.05
N THR A 144 -2.71 30.64 -8.34
CA THR A 144 -1.52 29.86 -8.01
C THR A 144 -0.65 30.51 -6.94
N CYS A 145 -0.21 29.69 -5.99
CA CYS A 145 0.76 30.11 -5.01
C CYS A 145 1.97 29.20 -5.11
N LEU A 146 3.09 29.79 -5.50
CA LEU A 146 4.35 29.10 -5.53
C LEU A 146 5.07 29.33 -4.22
N VAL A 147 5.58 28.26 -3.61
CA VAL A 147 6.41 28.35 -2.42
C VAL A 147 7.71 27.61 -2.70
N LYS A 148 8.84 28.31 -2.63
CA LYS A 148 10.11 27.67 -2.98
C LYS A 148 11.27 27.98 -2.05
N GLY A 149 12.24 27.07 -2.04
CA GLY A 149 13.50 27.29 -1.35
C GLY A 149 13.39 27.08 0.14
N PHE A 150 12.48 26.19 0.55
CA PHE A 150 12.30 25.91 1.97
C PHE A 150 12.90 24.58 2.43
N TYR A 151 13.47 24.61 3.63
CA TYR A 151 13.93 23.41 4.29
C TYR A 151 13.64 23.55 5.79
N PRO A 152 13.24 22.48 6.48
CA PRO A 152 12.82 21.16 5.98
C PRO A 152 11.52 21.27 5.22
N SER A 153 10.96 20.14 4.81
CA SER A 153 9.80 20.13 3.94
C SER A 153 8.48 20.34 4.68
N ASP A 154 8.52 20.33 6.01
CA ASP A 154 7.34 20.50 6.84
C ASP A 154 6.76 21.88 6.65
N ILE A 155 5.51 21.96 6.20
CA ILE A 155 4.96 23.23 5.86
C ILE A 155 3.43 23.20 5.85
N ALA A 156 2.80 24.34 6.09
CA ALA A 156 1.35 24.44 5.96
C ALA A 156 1.00 25.58 5.02
N VAL A 157 0.14 25.31 4.06
CA VAL A 157 -0.28 26.34 3.11
C VAL A 157 -1.80 26.39 3.10
N GLU A 158 -2.36 27.59 3.27
CA GLU A 158 -3.80 27.81 3.26
C GLU A 158 -4.15 29.05 2.46
N TRP A 159 -5.44 29.23 2.22
CA TRP A 159 -5.94 30.39 1.48
C TRP A 159 -7.03 31.08 2.23
N GLU A 160 -7.10 32.40 2.09
CA GLU A 160 -8.20 33.16 2.67
C GLU A 160 -8.63 34.29 1.77
N SER A 161 -9.92 34.63 1.85
CA SER A 161 -10.47 35.75 1.13
C SER A 161 -11.24 36.62 2.10
N ASN A 162 -10.91 37.91 2.09
CA ASN A 162 -11.53 38.93 2.95
C ASN A 162 -11.73 38.56 4.43
N GLY A 163 -10.86 37.69 4.94
CA GLY A 163 -10.88 37.28 6.34
C GLY A 163 -11.53 35.93 6.62
N GLN A 164 -11.89 35.19 5.58
CA GLN A 164 -12.54 33.88 5.74
C GLN A 164 -11.79 32.79 4.95
N PRO A 165 -11.64 31.58 5.56
CA PRO A 165 -10.87 30.52 4.91
C PRO A 165 -11.54 30.02 3.63
N GLU A 166 -10.75 30.01 2.55
CA GLU A 166 -11.15 29.42 1.28
C GLU A 166 -10.73 27.95 1.23
N ASN A 167 -11.69 27.08 0.93
CA ASN A 167 -11.47 25.63 1.02
C ASN A 167 -11.18 24.92 -0.30
N ASN A 168 -11.39 25.60 -1.41
CA ASN A 168 -11.31 24.94 -2.72
C ASN A 168 -9.92 24.98 -3.36
N TYR A 169 -8.92 24.57 -2.60
CA TYR A 169 -7.56 24.50 -3.07
C TYR A 169 -7.04 23.09 -2.95
N LYS A 170 -5.99 22.80 -3.71
CA LYS A 170 -5.22 21.57 -3.55
C LYS A 170 -3.76 21.95 -3.62
N THR A 171 -2.94 21.27 -2.84
CA THR A 171 -1.51 21.55 -2.78
C THR A 171 -0.70 20.32 -3.18
N THR A 172 0.28 20.53 -4.05
CA THR A 172 1.17 19.45 -4.48
C THR A 172 2.04 19.06 -3.31
N PRO A 173 2.48 17.79 -3.27
CA PRO A 173 3.47 17.48 -2.25
C PRO A 173 4.77 18.28 -2.48
N PRO A 174 5.59 18.43 -1.42
CA PRO A 174 6.89 19.08 -1.58
C PRO A 174 7.73 18.33 -2.61
N VAL A 175 8.47 19.09 -3.43
CA VAL A 175 9.32 18.50 -4.45
C VAL A 175 10.76 18.92 -4.23
N LEU A 176 11.67 17.95 -4.25
CA LEU A 176 13.09 18.23 -4.04
C LEU A 176 13.65 19.03 -5.23
N ASP A 177 14.12 20.25 -4.95
CA ASP A 177 14.69 21.10 -5.99
C ASP A 177 16.18 20.83 -6.10
N SER A 178 16.79 21.26 -7.21
CA SER A 178 18.17 20.93 -7.50
C SER A 178 19.18 21.38 -6.40
N ASP A 179 18.87 22.49 -5.73
CA ASP A 179 19.72 23.06 -4.68
C ASP A 179 19.50 22.44 -3.28
N GLY A 180 18.73 21.37 -3.21
CA GLY A 180 18.52 20.67 -1.93
C GLY A 180 17.35 21.19 -1.11
N SER A 181 16.82 22.36 -1.46
CA SER A 181 15.63 22.90 -0.84
C SER A 181 14.38 22.24 -1.43
N PHE A 182 13.21 22.69 -1.01
CA PHE A 182 11.95 22.14 -1.52
C PHE A 182 11.12 23.22 -2.19
N PHE A 183 10.28 22.82 -3.14
CA PHE A 183 9.27 23.75 -3.65
C PHE A 183 7.92 23.05 -3.71
N LEU A 184 6.85 23.85 -3.72
CA LEU A 184 5.51 23.31 -3.96
C LEU A 184 4.63 24.37 -4.59
N TYR A 185 3.54 23.89 -5.17
CA TYR A 185 2.53 24.76 -5.70
C TYR A 185 1.21 24.46 -5.05
N SER A 186 0.50 25.54 -4.70
CA SER A 186 -0.88 25.43 -4.23
C SER A 186 -1.79 26.09 -5.23
N LYS A 187 -2.89 25.42 -5.56
CA LYS A 187 -3.84 25.93 -6.54
C LYS A 187 -5.22 26.05 -5.92
N LEU A 188 -5.66 27.29 -5.72
CA LEU A 188 -7.02 27.58 -5.31
C LEU A 188 -7.88 27.79 -6.56
N THR A 189 -9.01 27.09 -6.63
CA THR A 189 -9.97 27.27 -7.69
C THR A 189 -11.09 28.19 -7.22
N VAL A 190 -11.39 29.22 -8.00
CA VAL A 190 -12.48 30.14 -7.69
C VAL A 190 -13.32 30.37 -8.92
N ASP A 191 -14.60 30.68 -8.69
CA ASP A 191 -15.51 31.07 -9.77
C ASP A 191 -14.91 32.26 -10.51
N LYS A 192 -14.94 32.21 -11.84
CA LYS A 192 -14.37 33.25 -12.69
C LYS A 192 -14.94 34.63 -12.40
N SER A 193 -16.22 34.68 -12.04
CA SER A 193 -16.88 35.95 -11.70
C SER A 193 -16.37 36.51 -10.38
N ARG A 194 -16.10 35.64 -9.41
CA ARG A 194 -15.53 36.04 -8.11
C ARG A 194 -14.14 36.66 -8.27
N TRP A 195 -13.43 36.28 -9.33
CA TRP A 195 -12.10 36.82 -9.65
C TRP A 195 -12.22 38.11 -10.40
N GLN A 196 -13.18 38.17 -11.32
CA GLN A 196 -13.42 39.37 -12.14
C GLN A 196 -13.98 40.51 -11.29
N GLN A 197 -14.58 40.16 -10.16
CA GLN A 197 -15.14 41.12 -9.20
C GLN A 197 -14.08 41.99 -8.51
N GLY A 198 -12.86 41.46 -8.42
CA GLY A 198 -11.75 42.20 -7.83
C GLY A 198 -11.55 41.93 -6.35
N ASN A 199 -11.94 40.75 -5.91
CA ASN A 199 -11.65 40.31 -4.55
C ASN A 199 -10.15 40.17 -4.30
N VAL A 200 -9.74 40.40 -3.07
CA VAL A 200 -8.38 40.11 -2.63
C VAL A 200 -8.35 38.68 -2.12
N PHE A 201 -7.48 37.86 -2.71
CA PHE A 201 -7.24 36.49 -2.27
C PHE A 201 -5.83 36.36 -1.73
N SER A 202 -5.67 35.52 -0.70
CA SER A 202 -4.39 35.44 0.01
C SER A 202 -3.86 34.03 0.12
N CYS A 203 -2.54 33.93 0.03
CA CYS A 203 -1.85 32.68 0.24
C CYS A 203 -1.09 32.73 1.56
N SER A 204 -1.55 31.94 2.52
CA SER A 204 -0.92 31.85 3.84
C SER A 204 0.04 30.67 3.93
N VAL A 205 1.27 30.96 4.35
CA VAL A 205 2.34 29.97 4.44
C VAL A 205 2.93 29.98 5.85
N MET A 206 3.11 28.79 6.42
CA MET A 206 3.70 28.64 7.74
C MET A 206 4.85 27.68 7.67
N HIS A 207 6.01 28.19 8.02
CA HIS A 207 7.25 27.43 7.98
C HIS A 207 8.13 27.89 9.08
N GLU A 208 8.94 26.99 9.62
CA GLU A 208 9.77 27.32 10.77
C GLU A 208 10.75 28.47 10.50
N ALA A 209 11.19 28.62 9.25
CA ALA A 209 12.24 29.57 8.91
C ALA A 209 11.69 30.94 8.49
N LEU A 210 10.36 31.09 8.51
CA LEU A 210 9.75 32.39 8.30
C LEU A 210 9.72 33.21 9.58
N HIS A 211 9.90 34.52 9.45
CA HIS A 211 9.70 35.42 10.57
C HIS A 211 8.28 35.30 11.07
N ASN A 212 8.14 35.14 12.39
CA ASN A 212 6.86 34.80 13.03
C ASN A 212 6.20 33.55 12.47
N HIS A 213 7.01 32.64 11.89
CA HIS A 213 6.53 31.40 11.23
C HIS A 213 5.44 31.62 10.22
N TYR A 214 5.31 32.84 9.72
CA TYR A 214 4.14 33.19 8.95
C TYR A 214 4.41 34.22 7.88
N THR A 215 3.73 34.08 6.74
CA THR A 215 3.76 35.09 5.71
C THR A 215 2.51 34.99 4.84
N GLN A 216 2.16 36.10 4.22
CA GLN A 216 0.95 36.18 3.42
C GLN A 216 1.27 36.90 2.12
N LYS A 217 0.90 36.30 1.01
CA LYS A 217 1.05 36.96 -0.28
C LYS A 217 -0.31 37.04 -0.96
N SER A 218 -0.63 38.21 -1.49
CA SER A 218 -1.98 38.46 -1.94
C SER A 218 -2.09 38.56 -3.45
N LEU A 219 -3.27 38.22 -3.97
CA LEU A 219 -3.52 38.20 -5.40
C LEU A 219 -4.84 38.88 -5.73
N SER A 220 -4.83 39.69 -6.79
CA SER A 220 -5.98 40.50 -7.18
C SER A 220 -5.94 40.87 -8.66
N LEU A 221 -7.12 41.23 -9.20
CA LEU A 221 -7.25 41.68 -10.57
C LEU A 221 -6.22 42.76 -10.88
N SER A 222 -5.58 42.68 -12.05
CA SER A 222 -4.53 43.64 -12.45
C SER A 222 -5.08 44.94 -13.07
N PRO B 10 18.14 -14.12 6.07
CA PRO B 10 16.69 -13.91 5.87
C PRO B 10 15.91 -15.23 5.91
N GLU B 11 14.86 -15.26 6.73
CA GLU B 11 14.04 -16.48 6.85
C GLU B 11 13.14 -16.72 5.63
N LEU B 12 12.74 -15.64 4.95
CA LEU B 12 11.90 -15.69 3.74
C LEU B 12 10.70 -16.61 3.90
N LEU B 13 10.10 -16.54 5.09
CA LEU B 13 9.11 -17.50 5.53
C LEU B 13 7.95 -17.57 4.55
N GLY B 14 7.62 -16.41 3.98
CA GLY B 14 6.45 -16.30 3.13
C GLY B 14 6.69 -16.53 1.66
N GLY B 15 7.94 -16.74 1.26
CA GLY B 15 8.27 -17.00 -0.13
C GLY B 15 8.31 -15.73 -0.95
N PRO B 16 8.44 -15.84 -2.29
CA PRO B 16 8.69 -14.65 -3.11
C PRO B 16 7.51 -13.71 -3.22
N SER B 17 7.80 -12.45 -3.57
CA SER B 17 6.76 -11.46 -3.84
C SER B 17 6.90 -10.94 -5.24
N VAL B 18 5.77 -10.59 -5.84
CA VAL B 18 5.74 -10.12 -7.22
C VAL B 18 5.32 -8.66 -7.29
N PHE B 19 6.00 -7.87 -8.11
CA PHE B 19 5.58 -6.50 -8.38
C PHE B 19 5.52 -6.30 -9.89
N LEU B 20 4.38 -5.76 -10.34
CA LEU B 20 4.08 -5.64 -11.76
C LEU B 20 3.92 -4.17 -12.12
N PHE B 21 4.81 -3.68 -12.98
CA PHE B 21 4.89 -2.27 -13.32
C PHE B 21 4.40 -1.97 -14.73
N PRO B 22 3.65 -0.86 -14.88
CA PRO B 22 3.10 -0.49 -16.18
C PRO B 22 4.22 0.14 -17.03
N PRO B 23 3.99 0.38 -18.34
CA PRO B 23 5.05 1.03 -19.11
C PRO B 23 5.15 2.52 -18.76
N LYS B 24 6.31 3.12 -19.01
CA LYS B 24 6.50 4.57 -18.82
C LYS B 24 5.52 5.29 -19.73
N PRO B 25 4.92 6.39 -19.25
CA PRO B 25 3.95 7.15 -20.05
C PRO B 25 4.49 7.51 -21.45
N LYS B 26 5.71 8.04 -21.52
CA LYS B 26 6.37 8.40 -22.77
C LYS B 26 6.34 7.22 -23.75
N ASP B 27 6.78 6.06 -23.27
CA ASP B 27 6.84 4.81 -24.06
C ASP B 27 5.50 4.41 -24.67
N THR B 28 4.40 4.73 -23.97
CA THR B 28 3.06 4.39 -24.45
C THR B 28 2.59 5.36 -25.53
N LEU B 29 3.17 6.55 -25.55
CA LEU B 29 2.65 7.63 -26.37
C LEU B 29 3.36 7.86 -27.72
N MET B 30 4.69 7.72 -27.73
CA MET B 30 5.51 7.91 -28.94
C MET B 30 5.85 6.57 -29.60
N ILE B 31 5.54 6.45 -30.89
CA ILE B 31 5.85 5.22 -31.64
C ILE B 31 7.36 4.92 -31.75
N SER B 32 8.18 5.94 -31.54
CA SER B 32 9.65 5.82 -31.55
C SER B 32 10.24 5.02 -30.36
N ARG B 33 9.40 4.76 -29.36
CA ARG B 33 9.80 4.08 -28.13
C ARG B 33 9.02 2.78 -27.95
N THR B 34 9.58 1.84 -27.18
CA THR B 34 8.95 0.54 -26.99
C THR B 34 8.45 0.35 -25.55
N PRO B 35 7.12 0.34 -25.37
CA PRO B 35 6.52 0.20 -24.05
C PRO B 35 6.52 -1.26 -23.60
N GLU B 36 6.88 -1.48 -22.34
CA GLU B 36 6.94 -2.83 -21.80
C GLU B 36 6.37 -2.87 -20.38
N VAL B 37 5.77 -3.99 -20.02
CA VAL B 37 5.33 -4.20 -18.64
C VAL B 37 6.32 -5.12 -17.93
N THR B 38 6.72 -4.74 -16.73
CA THR B 38 7.81 -5.43 -16.05
C THR B 38 7.30 -6.23 -14.85
N CYS B 39 7.35 -7.55 -14.96
CA CYS B 39 7.03 -8.42 -13.83
C CYS B 39 8.32 -8.79 -13.15
N VAL B 40 8.51 -8.30 -11.93
CA VAL B 40 9.71 -8.64 -11.19
C VAL B 40 9.36 -9.49 -9.96
N VAL B 41 10.10 -10.58 -9.79
CA VAL B 41 9.89 -11.46 -8.67
C VAL B 41 11.07 -11.30 -7.76
N VAL B 42 10.76 -11.12 -6.49
CA VAL B 42 11.72 -10.72 -5.50
C VAL B 42 11.58 -11.68 -4.32
N ASP B 43 12.61 -11.76 -3.48
CA ASP B 43 12.63 -12.71 -2.34
C ASP B 43 12.56 -14.17 -2.79
N VAL B 44 13.20 -14.47 -3.92
CA VAL B 44 13.43 -15.85 -4.37
C VAL B 44 14.56 -16.41 -3.52
N SER B 45 14.40 -17.63 -3.01
CA SER B 45 15.40 -18.22 -2.13
C SER B 45 16.44 -19.00 -2.91
N HIS B 46 17.58 -19.26 -2.27
CA HIS B 46 18.61 -20.08 -2.88
C HIS B 46 18.19 -21.52 -3.02
N GLU B 47 17.42 -22.02 -2.07
CA GLU B 47 17.03 -23.43 -2.04
C GLU B 47 15.96 -23.81 -3.07
N ASP B 48 15.04 -22.89 -3.36
CA ASP B 48 14.04 -23.08 -4.42
C ASP B 48 14.15 -21.94 -5.45
N PRO B 49 15.22 -21.93 -6.24
CA PRO B 49 15.56 -20.75 -7.05
C PRO B 49 14.82 -20.64 -8.38
N GLU B 50 14.09 -21.68 -8.77
CA GLU B 50 13.50 -21.75 -10.11
C GLU B 50 12.15 -21.05 -10.15
N VAL B 51 12.04 -20.08 -11.06
CA VAL B 51 10.83 -19.26 -11.20
C VAL B 51 10.29 -19.43 -12.60
N LYS B 52 8.99 -19.71 -12.71
CA LYS B 52 8.32 -19.83 -14.00
C LYS B 52 7.34 -18.69 -14.23
N PHE B 53 7.33 -18.18 -15.46
CA PHE B 53 6.47 -17.07 -15.83
C PHE B 53 5.49 -17.53 -16.89
N ASN B 54 4.22 -17.23 -16.68
CA ASN B 54 3.23 -17.30 -17.74
C ASN B 54 2.73 -15.88 -17.92
N TRP B 55 2.49 -15.48 -19.16
CA TRP B 55 1.95 -14.15 -19.46
C TRP B 55 0.68 -14.22 -20.24
N TYR B 56 -0.22 -13.27 -19.97
CA TYR B 56 -1.55 -13.28 -20.58
C TYR B 56 -1.97 -11.88 -21.00
N VAL B 57 -2.68 -11.80 -22.11
CA VAL B 57 -3.31 -10.55 -22.56
C VAL B 57 -4.80 -10.77 -22.72
N ASP B 58 -5.58 -10.05 -21.91
CA ASP B 58 -7.05 -10.23 -21.82
C ASP B 58 -7.47 -11.70 -21.66
N GLY B 59 -6.71 -12.42 -20.84
CA GLY B 59 -6.98 -13.84 -20.60
C GLY B 59 -6.28 -14.81 -21.55
N VAL B 60 -5.79 -14.30 -22.68
CA VAL B 60 -5.12 -15.14 -23.68
C VAL B 60 -3.60 -15.22 -23.47
N GLU B 61 -3.09 -16.44 -23.33
CA GLU B 61 -1.67 -16.68 -23.04
C GLU B 61 -0.77 -16.28 -24.21
N VAL B 62 0.29 -15.53 -23.92
CA VAL B 62 1.29 -15.12 -24.95
C VAL B 62 2.71 -15.61 -24.63
N HIS B 63 3.53 -15.78 -25.66
CA HIS B 63 4.85 -16.40 -25.52
C HIS B 63 6.03 -15.55 -25.87
N ASN B 64 5.81 -14.25 -26.07
CA ASN B 64 6.85 -13.34 -26.58
C ASN B 64 7.63 -12.56 -25.50
N ALA B 65 7.50 -12.99 -24.24
CA ALA B 65 8.17 -12.35 -23.12
C ALA B 65 9.68 -12.55 -23.16
N LYS B 66 10.41 -11.72 -22.40
CA LYS B 66 11.84 -11.86 -22.29
C LYS B 66 12.30 -11.89 -20.84
N THR B 67 12.61 -13.08 -20.36
CA THR B 67 13.01 -13.27 -18.98
C THR B 67 14.53 -13.28 -18.83
N LYS B 68 15.03 -12.32 -18.05
CA LYS B 68 16.44 -12.26 -17.71
C LYS B 68 16.77 -13.41 -16.77
N PRO B 69 18.02 -13.92 -16.82
CA PRO B 69 18.42 -14.94 -15.84
C PRO B 69 18.35 -14.40 -14.42
N ARG B 70 18.28 -15.33 -13.46
CA ARG B 70 18.20 -15.01 -12.03
C ARG B 70 19.42 -14.20 -11.56
N GLU B 71 19.13 -13.15 -10.81
CA GLU B 71 20.15 -12.18 -10.40
C GLU B 71 20.35 -12.20 -8.87
N GLU B 72 21.58 -12.50 -8.45
CA GLU B 72 21.93 -12.57 -7.02
C GLU B 72 21.89 -11.18 -6.39
N GLN B 73 21.17 -11.08 -5.28
CA GLN B 73 20.90 -9.80 -4.64
C GLN B 73 21.76 -9.67 -3.39
N TYR B 74 21.96 -8.44 -2.93
CA TYR B 74 22.79 -8.18 -1.76
C TYR B 74 22.24 -8.87 -0.50
N ASN B 75 20.93 -8.74 -0.29
CA ASN B 75 20.21 -9.30 0.85
C ASN B 75 20.26 -10.86 0.92
N SER B 76 21.03 -11.48 0.02
CA SER B 76 21.14 -12.95 -0.08
C SER B 76 19.86 -13.64 -0.62
N THR B 77 19.15 -12.96 -1.52
CA THR B 77 18.05 -13.56 -2.28
C THR B 77 18.35 -13.48 -3.77
N TYR B 78 17.55 -14.17 -4.57
CA TYR B 78 17.55 -13.97 -6.01
C TYR B 78 16.44 -13.01 -6.36
N ARG B 79 16.71 -12.17 -7.35
CA ARG B 79 15.72 -11.33 -7.98
C ARG B 79 15.64 -11.77 -9.44
N VAL B 80 14.43 -11.96 -9.93
CA VAL B 80 14.27 -12.43 -11.30
C VAL B 80 13.14 -11.66 -11.99
N VAL B 81 13.47 -11.14 -13.18
CA VAL B 81 12.65 -10.18 -13.90
C VAL B 81 12.26 -10.69 -15.28
N SER B 82 10.99 -10.47 -15.63
CA SER B 82 10.50 -10.77 -16.96
C SER B 82 9.84 -9.52 -17.53
N VAL B 83 10.16 -9.20 -18.78
CA VAL B 83 9.58 -8.05 -19.46
C VAL B 83 8.79 -8.51 -20.67
N LEU B 84 7.55 -8.04 -20.75
CA LEU B 84 6.75 -8.28 -21.93
C LEU B 84 6.55 -6.96 -22.62
N THR B 85 7.05 -6.87 -23.84
CA THR B 85 6.83 -5.73 -24.70
C THR B 85 5.36 -5.74 -25.11
N VAL B 86 4.68 -4.63 -24.86
CA VAL B 86 3.29 -4.51 -25.28
C VAL B 86 3.21 -3.65 -26.54
N LEU B 87 2.17 -3.89 -27.33
CA LEU B 87 1.87 -3.08 -28.49
C LEU B 87 1.18 -1.79 -28.06
N HIS B 88 1.44 -0.71 -28.80
CA HIS B 88 1.06 0.65 -28.38
C HIS B 88 -0.41 0.86 -28.19
N GLN B 89 -1.21 0.45 -29.17
CA GLN B 89 -2.65 0.61 -29.10
C GLN B 89 -3.33 -0.41 -28.18
N ASP B 90 -2.65 -1.55 -27.95
CA ASP B 90 -3.13 -2.56 -27.01
C ASP B 90 -3.22 -2.02 -25.58
N TRP B 91 -2.23 -1.23 -25.19
CA TRP B 91 -2.25 -0.59 -23.88
C TRP B 91 -3.28 0.51 -23.79
N LEU B 92 -3.42 1.28 -24.87
CA LEU B 92 -4.31 2.44 -24.86
C LEU B 92 -5.78 2.04 -24.97
N ASN B 93 -6.04 0.87 -25.57
CA ASN B 93 -7.38 0.30 -25.63
C ASN B 93 -7.90 -0.26 -24.31
N GLY B 94 -7.00 -0.42 -23.33
CA GLY B 94 -7.38 -0.89 -21.99
C GLY B 94 -7.31 -2.40 -21.76
N LYS B 95 -6.36 -3.05 -22.43
CA LYS B 95 -6.19 -4.50 -22.33
C LYS B 95 -5.43 -4.91 -21.08
N GLU B 96 -5.93 -5.94 -20.40
CA GLU B 96 -5.38 -6.39 -19.11
C GLU B 96 -4.16 -7.29 -19.30
N TYR B 97 -3.05 -6.90 -18.68
CA TYR B 97 -1.82 -7.68 -18.74
C TYR B 97 -1.58 -8.43 -17.43
N LYS B 98 -1.42 -9.74 -17.54
CA LYS B 98 -1.36 -10.63 -16.38
C LYS B 98 -0.07 -11.42 -16.38
N CYS B 99 0.66 -11.35 -15.26
CA CYS B 99 1.86 -12.12 -15.05
C CYS B 99 1.59 -13.18 -13.99
N LYS B 100 1.76 -14.44 -14.36
CA LYS B 100 1.66 -15.54 -13.40
C LYS B 100 3.04 -16.09 -13.07
N VAL B 101 3.33 -16.15 -11.78
CA VAL B 101 4.64 -16.52 -11.27
C VAL B 101 4.54 -17.79 -10.45
N SER B 102 5.27 -18.83 -10.86
CA SER B 102 5.27 -20.11 -10.12
C SER B 102 6.62 -20.38 -9.47
N ASN B 103 6.60 -20.93 -8.27
CA ASN B 103 7.82 -21.21 -7.52
C ASN B 103 7.50 -22.12 -6.35
N LYS B 104 8.40 -23.07 -6.09
CA LYS B 104 8.19 -24.08 -5.05
C LYS B 104 8.11 -23.56 -3.61
N ALA B 105 8.55 -22.33 -3.37
CA ALA B 105 8.39 -21.75 -2.05
C ALA B 105 6.97 -21.16 -1.82
N LEU B 106 6.10 -21.28 -2.82
CA LEU B 106 4.71 -20.82 -2.79
C LEU B 106 3.76 -22.01 -2.92
N PRO B 107 2.60 -21.98 -2.22
CA PRO B 107 1.64 -23.08 -2.33
C PRO B 107 0.84 -22.99 -3.61
N ALA B 108 0.91 -21.83 -4.26
CA ALA B 108 0.16 -21.59 -5.48
C ALA B 108 0.89 -20.52 -6.26
N PRO B 109 0.68 -20.48 -7.58
CA PRO B 109 1.22 -19.36 -8.38
C PRO B 109 0.66 -18.01 -7.93
N ILE B 110 1.45 -16.96 -8.03
CA ILE B 110 0.95 -15.60 -7.78
C ILE B 110 0.61 -14.93 -9.11
N GLU B 111 -0.61 -14.38 -9.17
CA GLU B 111 -1.09 -13.70 -10.36
C GLU B 111 -1.24 -12.19 -10.15
N LYS B 112 -0.52 -11.38 -10.93
CA LYS B 112 -0.68 -9.93 -10.88
C LYS B 112 -1.25 -9.40 -12.17
N THR B 113 -2.14 -8.41 -12.05
CA THR B 113 -2.82 -7.86 -13.21
C THR B 113 -2.72 -6.33 -13.30
N ILE B 114 -2.06 -5.86 -14.35
CA ILE B 114 -2.00 -4.43 -14.67
C ILE B 114 -2.72 -4.13 -16.02
N SER B 115 -3.29 -2.94 -16.09
CA SER B 115 -3.86 -2.37 -17.33
C SER B 115 -3.84 -0.85 -17.19
N LYS B 116 -4.22 -0.14 -18.25
CA LYS B 116 -4.38 1.30 -18.15
C LYS B 116 -5.54 1.62 -17.21
N ALA B 117 -5.51 2.80 -16.60
CA ALA B 117 -6.62 3.29 -15.79
C ALA B 117 -7.89 3.30 -16.63
N LYS B 118 -8.95 2.73 -16.07
CA LYS B 118 -10.24 2.71 -16.73
C LYS B 118 -10.91 4.04 -16.46
N GLY B 119 -11.72 4.51 -17.42
CA GLY B 119 -12.45 5.76 -17.25
C GLY B 119 -12.19 6.78 -18.33
N GLN B 120 -13.23 7.55 -18.63
CA GLN B 120 -13.23 8.67 -19.59
C GLN B 120 -11.93 9.49 -19.61
N PRO B 121 -11.16 9.42 -20.70
CA PRO B 121 -9.98 10.29 -20.83
C PRO B 121 -10.40 11.75 -20.95
N ARG B 122 -9.80 12.62 -20.14
CA ARG B 122 -10.09 14.05 -20.18
C ARG B 122 -8.84 14.77 -20.65
N GLU B 123 -9.04 15.76 -21.51
CA GLU B 123 -7.95 16.47 -22.16
C GLU B 123 -7.32 17.49 -21.22
N PRO B 124 -5.98 17.53 -21.16
CA PRO B 124 -5.32 18.49 -20.27
C PRO B 124 -5.40 19.92 -20.78
N GLN B 125 -5.60 20.86 -19.86
CA GLN B 125 -5.50 22.27 -20.20
C GLN B 125 -4.12 22.73 -19.73
N VAL B 126 -3.40 23.38 -20.63
CA VAL B 126 -2.04 23.79 -20.36
C VAL B 126 -1.93 25.30 -20.30
N TYR B 127 -1.46 25.79 -19.16
CA TYR B 127 -1.34 27.22 -18.94
C TYR B 127 0.04 27.56 -18.43
N THR B 128 0.77 28.25 -19.27
CA THR B 128 2.04 28.85 -18.91
C THR B 128 1.76 30.14 -18.13
N LEU B 129 2.56 30.36 -17.09
CA LEU B 129 2.33 31.44 -16.14
C LEU B 129 3.61 32.24 -15.93
N PRO B 130 3.57 33.56 -16.22
CA PRO B 130 4.78 34.36 -16.08
C PRO B 130 5.18 34.45 -14.61
N PRO B 131 6.50 34.66 -14.33
CA PRO B 131 6.95 34.83 -12.96
C PRO B 131 6.26 36.02 -12.29
N SER B 132 6.07 35.94 -10.97
CA SER B 132 5.43 36.98 -10.17
C SER B 132 6.24 38.28 -10.19
N ARG B 133 5.56 39.40 -9.92
CA ARG B 133 6.18 40.73 -9.86
C ARG B 133 7.27 40.83 -8.79
N ASP B 134 7.15 40.02 -7.74
CA ASP B 134 8.12 40.01 -6.64
C ASP B 134 9.37 39.20 -6.95
N GLU B 135 9.25 38.22 -7.83
CA GLU B 135 10.39 37.39 -8.21
C GLU B 135 11.22 38.09 -9.28
N LEU B 136 10.61 39.11 -9.87
CA LEU B 136 11.17 39.89 -10.97
C LEU B 136 12.32 40.78 -10.51
N THR B 137 12.50 40.87 -9.18
CA THR B 137 13.62 41.62 -8.58
C THR B 137 14.80 40.70 -8.25
N LYS B 138 14.54 39.39 -8.16
CA LYS B 138 15.59 38.41 -7.89
C LYS B 138 16.38 38.05 -9.14
N ASN B 139 17.53 37.41 -8.95
CA ASN B 139 18.46 37.10 -10.04
C ASN B 139 17.99 36.01 -10.97
N GLN B 140 17.27 35.03 -10.42
CA GLN B 140 16.65 33.98 -11.23
C GLN B 140 15.15 33.99 -11.01
N VAL B 141 14.42 33.68 -12.08
CA VAL B 141 12.95 33.65 -12.00
C VAL B 141 12.40 32.26 -12.31
N SER B 142 11.10 32.08 -12.05
CA SER B 142 10.44 30.81 -12.22
C SER B 142 9.35 30.88 -13.28
N LEU B 143 9.47 30.00 -14.27
CA LEU B 143 8.42 29.86 -15.28
C LEU B 143 7.59 28.64 -14.96
N THR B 144 6.29 28.87 -14.85
CA THR B 144 5.36 27.85 -14.40
C THR B 144 4.55 27.32 -15.56
N CYS B 145 4.48 26.00 -15.63
CA CYS B 145 3.51 25.36 -16.49
C CYS B 145 2.50 24.63 -15.62
N LEU B 146 1.25 25.09 -15.67
CA LEU B 146 0.16 24.41 -15.01
C LEU B 146 -0.49 23.47 -16.01
N VAL B 147 -0.60 22.19 -15.65
CA VAL B 147 -1.30 21.21 -16.46
C VAL B 147 -2.44 20.62 -15.63
N LYS B 148 -3.68 20.83 -16.07
CA LYS B 148 -4.84 20.40 -15.26
C LYS B 148 -5.97 19.78 -16.07
N GLY B 149 -6.94 19.25 -15.33
CA GLY B 149 -8.14 18.68 -15.87
C GLY B 149 -7.93 17.36 -16.57
N PHE B 150 -6.75 16.77 -16.42
CA PHE B 150 -6.44 15.57 -17.21
C PHE B 150 -6.74 14.25 -16.53
N TYR B 151 -7.01 13.25 -17.36
CA TYR B 151 -7.26 11.89 -16.95
C TYR B 151 -6.95 10.97 -18.13
N PRO B 152 -6.30 9.81 -17.88
CA PRO B 152 -5.66 9.33 -16.64
C PRO B 152 -4.37 10.09 -16.32
N SER B 153 -3.73 9.70 -15.21
CA SER B 153 -2.62 10.45 -14.66
C SER B 153 -1.30 10.33 -15.44
N ASP B 154 -1.16 9.30 -16.25
CA ASP B 154 0.02 9.14 -17.13
C ASP B 154 0.17 10.33 -18.09
N ILE B 155 1.34 10.96 -18.04
CA ILE B 155 1.63 12.23 -18.71
C ILE B 155 3.14 12.45 -18.71
N ALA B 156 3.64 13.19 -19.70
CA ALA B 156 5.03 13.63 -19.68
C ALA B 156 5.09 15.11 -20.03
N VAL B 157 5.95 15.85 -19.33
CA VAL B 157 6.10 17.29 -19.50
C VAL B 157 7.57 17.67 -19.69
N GLU B 158 7.85 18.41 -20.76
CA GLU B 158 9.19 18.89 -21.06
C GLU B 158 9.18 20.40 -21.24
N TRP B 159 10.38 20.99 -21.32
CA TRP B 159 10.55 22.41 -21.61
C TRP B 159 11.47 22.61 -22.79
N GLU B 160 11.30 23.75 -23.44
CA GLU B 160 12.10 24.10 -24.59
C GLU B 160 12.17 25.61 -24.69
N SER B 161 13.17 26.08 -25.42
CA SER B 161 13.35 27.48 -25.75
C SER B 161 13.96 27.49 -27.13
N ASN B 162 13.29 28.15 -28.06
CA ASN B 162 13.70 28.13 -29.47
C ASN B 162 13.69 26.71 -30.08
N GLY B 163 12.86 25.83 -29.54
CA GLY B 163 12.79 24.45 -30.04
C GLY B 163 13.92 23.53 -29.58
N GLN B 164 14.71 23.99 -28.62
CA GLN B 164 15.78 23.20 -28.00
C GLN B 164 15.51 23.02 -26.49
N PRO B 165 15.76 21.80 -25.95
CA PRO B 165 15.49 21.53 -24.55
C PRO B 165 16.06 22.56 -23.58
N GLU B 166 15.29 22.87 -22.54
CA GLU B 166 15.81 23.54 -21.35
C GLU B 166 15.68 22.51 -20.25
N ASN B 167 16.78 22.26 -19.55
CA ASN B 167 16.84 21.14 -18.58
C ASN B 167 16.67 21.53 -17.10
N ASN B 168 16.62 22.84 -16.84
CA ASN B 168 16.55 23.35 -15.47
C ASN B 168 15.13 23.45 -14.91
N TYR B 169 14.41 22.33 -14.96
CA TYR B 169 13.04 22.28 -14.48
C TYR B 169 12.80 21.07 -13.59
N LYS B 170 11.84 21.21 -12.68
CA LYS B 170 11.32 20.09 -11.90
C LYS B 170 9.81 20.07 -12.01
N THR B 171 9.23 18.87 -12.00
CA THR B 171 7.80 18.66 -12.22
C THR B 171 7.24 17.96 -10.96
N THR B 172 6.04 18.32 -10.53
CA THR B 172 5.40 17.61 -9.42
C THR B 172 4.83 16.27 -9.91
N PRO B 173 4.61 15.32 -9.00
CA PRO B 173 3.73 14.21 -9.35
C PRO B 173 2.34 14.75 -9.76
N PRO B 174 1.50 13.90 -10.37
CA PRO B 174 0.13 14.35 -10.57
C PRO B 174 -0.63 14.36 -9.25
N VAL B 175 -1.59 15.27 -9.16
CA VAL B 175 -2.38 15.43 -7.95
C VAL B 175 -3.86 15.29 -8.27
N LEU B 176 -4.54 14.42 -7.54
CA LEU B 176 -5.97 14.24 -7.70
C LEU B 176 -6.65 15.58 -7.40
N ASP B 177 -7.29 16.17 -8.39
CA ASP B 177 -7.99 17.42 -8.19
C ASP B 177 -9.37 17.10 -7.63
N SER B 178 -9.97 18.08 -6.95
CA SER B 178 -11.22 17.82 -6.23
C SER B 178 -12.40 17.55 -7.17
N ASP B 179 -12.19 17.72 -8.48
CA ASP B 179 -13.22 17.42 -9.49
C ASP B 179 -13.08 16.00 -10.10
N GLY B 180 -12.18 15.20 -9.53
CA GLY B 180 -11.95 13.84 -10.00
C GLY B 180 -10.83 13.65 -11.03
N SER B 181 -10.42 14.74 -11.68
CA SER B 181 -9.30 14.71 -12.62
C SER B 181 -7.95 15.01 -11.94
N PHE B 182 -6.87 15.01 -12.72
CA PHE B 182 -5.53 15.24 -12.21
C PHE B 182 -5.00 16.59 -12.68
N PHE B 183 -4.07 17.16 -11.89
CA PHE B 183 -3.25 18.31 -12.30
C PHE B 183 -1.81 18.16 -11.81
N LEU B 184 -0.90 18.88 -12.46
CA LEU B 184 0.48 19.01 -11.99
C LEU B 184 0.98 20.41 -12.32
N TYR B 185 2.11 20.80 -11.73
CA TYR B 185 2.83 22.02 -12.12
C TYR B 185 4.27 21.66 -12.45
N SER B 186 4.77 22.24 -13.52
CA SER B 186 6.19 22.15 -13.83
C SER B 186 6.82 23.53 -13.65
N LYS B 187 7.99 23.56 -13.03
CA LYS B 187 8.73 24.80 -12.79
C LYS B 187 10.07 24.80 -13.50
N LEU B 188 10.25 25.76 -14.41
CA LEU B 188 11.53 26.02 -15.06
C LEU B 188 12.17 27.29 -14.47
N THR B 189 13.38 27.17 -13.92
CA THR B 189 14.15 28.33 -13.41
C THR B 189 15.18 28.78 -14.46
N VAL B 190 15.21 30.10 -14.72
CA VAL B 190 16.13 30.73 -15.67
C VAL B 190 16.54 32.13 -15.20
N ASP B 191 17.57 32.71 -15.83
CA ASP B 191 18.08 34.02 -15.46
C ASP B 191 17.07 35.14 -15.69
N LYS B 192 17.10 36.16 -14.82
CA LYS B 192 16.16 37.27 -14.89
C LYS B 192 16.20 38.02 -16.22
N SER B 193 17.40 38.29 -16.74
CA SER B 193 17.57 39.06 -17.98
C SER B 193 17.00 38.38 -19.24
N ARG B 194 17.00 37.04 -19.27
CA ARG B 194 16.35 36.26 -20.33
C ARG B 194 14.87 36.58 -20.43
N TRP B 195 14.26 36.88 -19.29
CA TRP B 195 12.84 37.17 -19.25
C TRP B 195 12.56 38.60 -19.64
N GLN B 196 13.43 39.53 -19.21
CA GLN B 196 13.27 40.97 -19.47
C GLN B 196 13.48 41.34 -20.95
N GLN B 197 13.83 40.36 -21.79
CA GLN B 197 14.27 40.64 -23.17
C GLN B 197 13.20 40.66 -24.30
N GLY B 198 12.30 39.68 -24.42
CA GLY B 198 12.23 38.47 -23.61
C GLY B 198 12.17 37.23 -24.48
N ASN B 199 13.05 36.26 -24.19
CA ASN B 199 13.13 34.99 -24.92
C ASN B 199 11.81 34.20 -24.86
N VAL B 200 11.60 33.34 -25.85
CA VAL B 200 10.36 32.55 -25.97
C VAL B 200 10.57 31.11 -25.51
N PHE B 201 9.87 30.75 -24.43
CA PHE B 201 9.93 29.41 -23.86
C PHE B 201 8.63 28.66 -24.14
N SER B 202 8.71 27.34 -24.17
CA SER B 202 7.54 26.52 -24.41
C SER B 202 7.49 25.32 -23.47
N CYS B 203 6.32 25.11 -22.89
CA CYS B 203 6.02 23.94 -22.08
C CYS B 203 5.29 22.94 -22.97
N SER B 204 5.87 21.76 -23.17
CA SER B 204 5.31 20.73 -24.05
C SER B 204 4.88 19.46 -23.30
N VAL B 205 3.70 18.94 -23.66
CA VAL B 205 3.03 17.91 -22.89
C VAL B 205 2.54 16.75 -23.77
N MET B 206 2.78 15.53 -23.29
CA MET B 206 2.30 14.31 -23.94
C MET B 206 1.28 13.57 -23.08
N HIS B 207 0.12 13.32 -23.67
CA HIS B 207 -0.98 12.63 -23.02
C HIS B 207 -1.89 12.07 -24.06
N GLU B 208 -2.47 10.91 -23.78
CA GLU B 208 -3.28 10.19 -24.77
C GLU B 208 -4.46 10.97 -25.35
N ALA B 209 -5.04 11.89 -24.56
CA ALA B 209 -6.22 12.65 -24.97
C ALA B 209 -5.88 13.90 -25.76
N LEU B 210 -4.60 14.19 -25.94
CA LEU B 210 -4.18 15.28 -26.82
C LEU B 210 -4.10 14.82 -28.28
N HIS B 211 -4.53 15.69 -29.19
CA HIS B 211 -4.43 15.36 -30.61
C HIS B 211 -2.99 15.17 -30.95
N ASN B 212 -2.70 14.03 -31.59
CA ASN B 212 -1.34 13.58 -31.88
C ASN B 212 -0.53 13.20 -30.62
N HIS B 213 -1.22 13.12 -29.47
CA HIS B 213 -0.63 12.92 -28.14
C HIS B 213 0.33 13.99 -27.73
N TYR B 214 0.16 15.19 -28.27
CA TYR B 214 1.13 16.25 -28.07
C TYR B 214 0.47 17.62 -28.10
N THR B 215 0.97 18.53 -27.26
CA THR B 215 0.63 19.96 -27.31
C THR B 215 1.78 20.81 -26.73
N GLN B 216 1.82 22.07 -27.11
CA GLN B 216 2.90 22.97 -26.71
C GLN B 216 2.33 24.34 -26.41
N LYS B 217 2.72 24.94 -25.30
CA LYS B 217 2.21 26.27 -24.96
C LYS B 217 3.37 27.22 -24.69
N SER B 218 3.29 28.42 -25.27
CA SER B 218 4.39 29.40 -25.24
C SER B 218 4.33 30.29 -24.02
N LEU B 219 5.46 30.91 -23.69
CA LEU B 219 5.58 31.81 -22.55
C LEU B 219 6.65 32.86 -22.87
N SER B 220 6.26 34.14 -22.82
CA SER B 220 7.13 35.26 -23.20
C SER B 220 6.72 36.54 -22.46
N LEU B 221 7.54 37.60 -22.55
CA LEU B 221 7.21 38.87 -21.88
C LEU B 221 6.39 39.83 -22.76
N LEU C 5 -21.79 -60.46 7.40
CA LEU C 5 -21.19 -59.46 6.48
C LEU C 5 -20.71 -58.19 7.20
N PRO C 6 -19.48 -58.19 7.73
CA PRO C 6 -18.94 -56.98 8.37
C PRO C 6 -18.31 -56.02 7.37
N LYS C 7 -18.74 -54.77 7.43
CA LYS C 7 -18.20 -53.72 6.60
C LYS C 7 -16.82 -53.28 7.11
N ALA C 8 -15.85 -53.14 6.20
CA ALA C 8 -14.57 -52.54 6.53
C ALA C 8 -14.78 -51.05 6.79
N VAL C 9 -13.82 -50.42 7.44
CA VAL C 9 -13.92 -48.99 7.78
C VAL C 9 -12.61 -48.28 7.46
N VAL C 10 -12.71 -47.11 6.84
CA VAL C 10 -11.55 -46.26 6.61
C VAL C 10 -11.47 -45.21 7.70
N PHE C 11 -10.36 -45.22 8.44
CA PHE C 11 -10.08 -44.19 9.45
C PHE C 11 -8.98 -43.27 8.94
N LEU C 12 -9.15 -41.98 9.20
CA LEU C 12 -8.14 -40.97 8.88
C LEU C 12 -7.25 -40.66 10.07
N GLU C 13 -5.96 -40.55 9.81
CA GLU C 13 -4.98 -40.23 10.82
C GLU C 13 -3.91 -39.30 10.22
N PRO C 14 -3.84 -38.03 10.70
CA PRO C 14 -4.72 -37.46 11.72
C PRO C 14 -6.11 -37.18 11.14
N GLN C 15 -7.11 -37.06 12.01
CA GLN C 15 -8.51 -37.15 11.60
C GLN C 15 -9.07 -36.11 10.60
N TRP C 16 -8.29 -35.09 10.26
CA TRP C 16 -8.81 -34.01 9.40
C TRP C 16 -9.02 -34.47 8.00
N TYR C 17 -10.22 -34.27 7.48
CA TYR C 17 -10.53 -34.71 6.12
C TYR C 17 -10.27 -33.61 5.10
N ARG C 18 -10.04 -32.39 5.60
CA ARG C 18 -9.61 -31.29 4.77
C ARG C 18 -8.16 -31.08 5.13
N VAL C 19 -7.28 -31.10 4.13
CA VAL C 19 -5.85 -30.96 4.34
C VAL C 19 -5.31 -30.00 3.28
N LEU C 20 -4.08 -29.51 3.48
CA LEU C 20 -3.40 -28.67 2.51
C LEU C 20 -2.41 -29.53 1.73
N GLU C 21 -2.11 -29.13 0.50
CA GLU C 21 -1.09 -29.84 -0.25
C GLU C 21 0.18 -29.92 0.58
N LYS C 22 0.84 -31.07 0.51
CA LYS C 22 2.08 -31.40 1.26
C LYS C 22 1.83 -31.94 2.69
N ASP C 23 0.57 -31.96 3.12
CA ASP C 23 0.23 -32.66 4.32
C ASP C 23 0.40 -34.17 4.14
N SER C 24 0.75 -34.83 5.24
CA SER C 24 0.76 -36.27 5.28
C SER C 24 -0.59 -36.73 5.79
N VAL C 25 -1.10 -37.79 5.16
CA VAL C 25 -2.36 -38.42 5.54
C VAL C 25 -2.14 -39.94 5.50
N THR C 26 -2.55 -40.60 6.59
CA THR C 26 -2.59 -42.04 6.63
C THR C 26 -4.06 -42.49 6.62
N LEU C 27 -4.39 -43.38 5.68
CA LEU C 27 -5.71 -44.01 5.65
C LEU C 27 -5.56 -45.44 6.15
N LYS C 28 -6.23 -45.75 7.26
CA LYS C 28 -6.16 -47.08 7.86
C LYS C 28 -7.44 -47.84 7.54
N CYS C 29 -7.26 -49.09 7.12
CA CYS C 29 -8.38 -49.96 6.80
C CYS C 29 -8.64 -50.86 8.00
N GLN C 30 -9.80 -50.68 8.63
CA GLN C 30 -10.19 -51.53 9.74
C GLN C 30 -11.18 -52.60 9.28
N GLY C 31 -10.67 -53.81 9.07
CA GLY C 31 -11.51 -55.00 8.80
C GLY C 31 -11.18 -56.09 9.81
N ALA C 32 -12.20 -56.83 10.25
CA ALA C 32 -12.05 -57.88 11.26
C ALA C 32 -11.86 -57.28 12.67
N GLN C 38 -7.71 -59.69 6.43
CA GLN C 38 -6.26 -59.95 6.50
C GLN C 38 -5.45 -59.13 5.48
N SER C 39 -5.58 -59.47 4.19
CA SER C 39 -5.00 -58.69 3.10
C SER C 39 -5.91 -57.51 2.76
N THR C 40 -5.43 -56.51 2.00
CA THR C 40 -6.23 -55.30 1.79
C THR C 40 -6.31 -54.85 0.32
N GLN C 41 -7.40 -54.17 -0.04
CA GLN C 41 -7.46 -53.45 -1.32
C GLN C 41 -8.09 -52.07 -1.10
N TRP C 42 -7.70 -51.13 -1.96
CA TRP C 42 -8.02 -49.74 -1.79
C TRP C 42 -8.56 -49.24 -3.08
N PHE C 43 -9.69 -48.52 -3.00
CA PHE C 43 -10.27 -47.83 -4.14
C PHE C 43 -10.21 -46.33 -3.91
N HIS C 44 -9.74 -45.59 -4.92
CA HIS C 44 -9.76 -44.13 -4.96
C HIS C 44 -10.62 -43.68 -6.12
N ASN C 45 -11.66 -42.89 -5.85
CA ASN C 45 -12.64 -42.52 -6.87
C ASN C 45 -13.16 -43.75 -7.58
N GLU C 46 -13.61 -44.74 -6.81
CA GLU C 46 -14.13 -46.02 -7.34
C GLU C 46 -13.15 -46.84 -8.22
N SER C 47 -11.86 -46.54 -8.12
CA SER C 47 -10.85 -47.25 -8.88
C SER C 47 -9.67 -47.73 -8.05
N LEU C 48 -9.31 -48.98 -8.29
CA LEU C 48 -8.25 -49.69 -7.59
C LEU C 48 -6.94 -48.93 -7.62
N ILE C 49 -6.31 -48.78 -6.46
CA ILE C 49 -4.93 -48.29 -6.42
C ILE C 49 -4.01 -49.45 -6.05
N SER C 50 -2.70 -49.26 -6.22
CA SER C 50 -1.73 -50.35 -6.10
C SER C 50 -1.66 -50.99 -4.72
N SER C 51 -1.71 -50.16 -3.70
CA SER C 51 -1.45 -50.57 -2.33
C SER C 51 -2.36 -51.69 -1.85
N GLN C 52 -1.74 -52.69 -1.24
CA GLN C 52 -2.49 -53.75 -0.57
C GLN C 52 -2.13 -53.79 0.90
N ALA C 53 -1.57 -52.68 1.38
CA ALA C 53 -1.23 -52.51 2.78
C ALA C 53 -2.45 -52.10 3.58
N SER C 54 -2.46 -52.55 4.83
CA SER C 54 -3.52 -52.29 5.78
C SER C 54 -3.73 -50.80 6.04
N SER C 55 -2.66 -50.02 5.93
CA SER C 55 -2.77 -48.56 5.99
C SER C 55 -2.10 -47.89 4.80
N TYR C 56 -2.87 -47.13 4.03
CA TYR C 56 -2.37 -46.49 2.85
C TYR C 56 -1.88 -45.08 3.21
N PHE C 57 -0.66 -44.77 2.81
CA PHE C 57 0.04 -43.57 3.25
C PHE C 57 0.28 -42.60 2.11
N ILE C 58 -0.20 -41.37 2.30
CA ILE C 58 0.06 -40.27 1.38
C ILE C 58 1.13 -39.38 2.00
N ASP C 59 2.35 -39.48 1.45
CA ASP C 59 3.51 -38.76 1.93
C ASP C 59 3.26 -37.25 1.89
N ALA C 60 2.94 -36.76 0.71
CA ALA C 60 2.77 -35.34 0.47
C ALA C 60 1.55 -35.17 -0.44
N ALA C 61 0.46 -34.68 0.16
CA ALA C 61 -0.82 -34.63 -0.50
C ALA C 61 -0.83 -33.64 -1.62
N THR C 62 -1.40 -34.05 -2.75
CA THR C 62 -1.68 -33.11 -3.87
C THR C 62 -3.18 -33.10 -4.14
N VAL C 63 -3.66 -32.15 -4.95
CA VAL C 63 -5.10 -32.02 -5.22
C VAL C 63 -5.71 -33.33 -5.74
N ASP C 64 -5.00 -33.98 -6.66
CA ASP C 64 -5.53 -35.20 -7.27
C ASP C 64 -5.80 -36.31 -6.27
N ASP C 65 -5.17 -36.24 -5.10
CA ASP C 65 -5.45 -37.17 -4.00
C ASP C 65 -6.84 -36.99 -3.41
N SER C 66 -7.50 -35.87 -3.68
CA SER C 66 -8.85 -35.63 -3.18
C SER C 66 -9.80 -36.66 -3.71
N GLY C 67 -10.96 -36.76 -3.09
CA GLY C 67 -12.02 -37.66 -3.54
C GLY C 67 -12.35 -38.74 -2.52
N GLU C 68 -12.86 -39.86 -3.02
CA GLU C 68 -13.47 -40.87 -2.17
C GLU C 68 -12.51 -42.04 -2.01
N TYR C 69 -12.39 -42.53 -0.79
CA TYR C 69 -11.60 -43.72 -0.53
C TYR C 69 -12.45 -44.81 0.10
N ARG C 70 -12.30 -46.03 -0.41
CA ARG C 70 -12.97 -47.19 0.14
C ARG C 70 -11.92 -48.27 0.26
N CYS C 71 -11.98 -49.05 1.32
CA CYS C 71 -11.13 -50.22 1.39
C CYS C 71 -11.94 -51.49 1.66
N GLN C 72 -11.25 -52.62 1.65
CA GLN C 72 -11.85 -53.92 1.92
C GLN C 72 -10.76 -54.93 2.29
N THR C 73 -11.08 -55.88 3.16
CA THR C 73 -10.18 -57.00 3.44
C THR C 73 -10.87 -58.32 3.04
N GLN C 74 -10.14 -59.42 3.09
CA GLN C 74 -10.71 -60.74 2.75
C GLN C 74 -11.93 -61.05 3.61
N LEU C 75 -11.90 -60.60 4.87
CA LEU C 75 -12.97 -60.93 5.82
C LEU C 75 -14.02 -59.82 5.93
N SER C 76 -13.96 -58.88 4.99
CA SER C 76 -14.83 -57.71 4.99
C SER C 76 -15.57 -57.55 3.69
N THR C 77 -16.70 -56.86 3.76
CA THR C 77 -17.28 -56.31 2.55
C THR C 77 -16.70 -54.90 2.41
N LEU C 78 -16.93 -54.33 1.23
CA LEU C 78 -16.45 -53.01 0.85
C LEU C 78 -16.95 -51.93 1.81
N SER C 79 -16.04 -51.04 2.18
CA SER C 79 -16.34 -49.99 3.13
C SER C 79 -17.16 -48.86 2.53
N ASP C 80 -17.91 -48.15 3.37
CA ASP C 80 -18.50 -46.89 2.98
C ASP C 80 -17.38 -45.94 2.54
N PRO C 81 -17.70 -45.00 1.63
CA PRO C 81 -16.70 -44.05 1.17
C PRO C 81 -16.31 -43.07 2.25
N VAL C 82 -15.03 -42.72 2.30
CA VAL C 82 -14.55 -41.64 3.14
C VAL C 82 -13.97 -40.57 2.23
N GLN C 83 -14.41 -39.35 2.42
CA GLN C 83 -13.99 -38.24 1.59
C GLN C 83 -12.70 -37.62 2.11
N LEU C 84 -11.79 -37.29 1.20
CA LEU C 84 -10.61 -36.50 1.52
C LEU C 84 -10.60 -35.29 0.60
N GLU C 85 -10.43 -34.11 1.16
CA GLU C 85 -10.36 -32.86 0.38
C GLU C 85 -8.99 -32.28 0.55
N VAL C 86 -8.23 -32.22 -0.54
CA VAL C 86 -6.93 -31.56 -0.50
C VAL C 86 -7.05 -30.16 -1.05
N HIS C 87 -6.86 -29.18 -0.18
CA HIS C 87 -6.96 -27.76 -0.53
C HIS C 87 -5.64 -27.17 -0.89
N ILE C 88 -5.66 -26.22 -1.83
CA ILE C 88 -4.47 -25.46 -2.18
C ILE C 88 -4.50 -24.08 -1.49
N GLY C 89 -3.49 -23.80 -0.66
CA GLY C 89 -3.31 -22.45 -0.11
C GLY C 89 -2.39 -22.37 1.10
N TRP C 90 -2.30 -21.17 1.67
CA TRP C 90 -1.49 -20.90 2.85
C TRP C 90 -2.12 -21.41 4.13
N LEU C 91 -3.44 -21.30 4.23
CA LEU C 91 -4.10 -21.59 5.50
C LEU C 91 -5.33 -22.42 5.29
N LEU C 92 -5.60 -23.27 6.27
CA LEU C 92 -6.79 -24.05 6.29
C LEU C 92 -7.22 -24.15 7.74
N LEU C 93 -8.45 -23.75 7.97
CA LEU C 93 -9.04 -23.83 9.27
C LEU C 93 -9.65 -25.22 9.38
N GLN C 94 -9.10 -26.03 10.28
CA GLN C 94 -9.56 -27.41 10.46
C GLN C 94 -10.45 -27.57 11.70
N ALA C 95 -11.37 -28.53 11.65
CA ALA C 95 -12.22 -28.84 12.79
C ALA C 95 -12.50 -30.34 12.86
N PRO C 96 -12.72 -30.86 14.08
CA PRO C 96 -13.09 -32.26 14.27
C PRO C 96 -14.45 -32.57 13.65
N ARG C 97 -15.40 -31.64 13.79
CA ARG C 97 -16.69 -31.71 13.10
C ARG C 97 -17.25 -30.30 12.98
N TRP C 98 -18.43 -30.16 12.35
CA TRP C 98 -19.05 -28.86 12.12
C TRP C 98 -20.17 -28.58 13.08
N VAL C 99 -20.74 -29.64 13.63
CA VAL C 99 -21.94 -29.53 14.45
C VAL C 99 -21.59 -29.95 15.88
N PHE C 100 -21.94 -29.11 16.84
CA PHE C 100 -21.62 -29.35 18.24
C PHE C 100 -22.87 -29.14 19.09
N LYS C 101 -22.95 -29.80 20.25
CA LYS C 101 -24.04 -29.51 21.18
C LYS C 101 -23.56 -28.63 22.32
N GLU C 102 -24.51 -28.00 23.01
CA GLU C 102 -24.18 -27.12 24.12
C GLU C 102 -23.26 -27.78 25.14
N GLU C 103 -22.28 -27.01 25.61
CA GLU C 103 -21.31 -27.44 26.64
C GLU C 103 -20.17 -28.36 26.16
N ASP C 104 -20.26 -28.82 24.91
CA ASP C 104 -19.14 -29.50 24.27
C ASP C 104 -17.94 -28.57 24.12
N PRO C 105 -16.72 -29.14 24.03
CA PRO C 105 -15.58 -28.30 23.67
C PRO C 105 -15.42 -28.16 22.14
N ILE C 106 -15.12 -26.95 21.69
CA ILE C 106 -14.84 -26.69 20.28
C ILE C 106 -13.34 -26.43 20.11
N HIS C 107 -12.73 -27.19 19.22
CA HIS C 107 -11.30 -27.09 18.97
C HIS C 107 -11.06 -26.82 17.50
N LEU C 108 -10.71 -25.58 17.16
CA LEU C 108 -10.36 -25.20 15.79
C LEU C 108 -8.86 -25.04 15.66
N ARG C 109 -8.34 -25.34 14.48
CA ARG C 109 -6.92 -25.24 14.20
C ARG C 109 -6.69 -24.46 12.91
N CYS C 110 -5.88 -23.40 13.00
CA CYS C 110 -5.50 -22.60 11.85
C CYS C 110 -4.27 -23.23 11.22
N HIS C 111 -4.46 -24.33 10.51
CA HIS C 111 -3.35 -25.05 9.92
C HIS C 111 -2.73 -24.24 8.82
N SER C 112 -1.41 -24.15 8.82
CA SER C 112 -0.69 -23.39 7.80
C SER C 112 0.11 -24.31 6.92
N TRP C 113 0.33 -23.91 5.68
CA TRP C 113 1.03 -24.70 4.68
C TRP C 113 2.42 -25.11 5.11
N LYS C 114 2.71 -26.40 5.02
CA LYS C 114 3.99 -26.97 5.47
C LYS C 114 4.24 -26.69 6.96
N ASN C 115 3.18 -26.36 7.68
CA ASN C 115 3.30 -25.98 9.08
C ASN C 115 4.18 -24.74 9.26
N THR C 116 4.20 -23.87 8.27
CA THR C 116 4.98 -22.64 8.31
C THR C 116 4.60 -21.77 9.52
N ALA C 117 5.61 -21.27 10.22
CA ALA C 117 5.44 -20.33 11.33
C ALA C 117 4.53 -19.19 10.92
N LEU C 118 3.46 -19.03 11.69
CA LEU C 118 2.47 -18.01 11.45
C LEU C 118 2.38 -17.15 12.73
N HIS C 119 2.26 -15.83 12.57
CA HIS C 119 2.10 -14.95 13.74
C HIS C 119 1.09 -13.87 13.53
N LYS C 120 0.65 -13.27 14.63
CA LYS C 120 -0.43 -12.30 14.62
C LYS C 120 -1.64 -12.95 13.97
N VAL C 121 -2.13 -13.99 14.64
CA VAL C 121 -3.17 -14.88 14.14
C VAL C 121 -4.50 -14.51 14.75
N THR C 122 -5.55 -14.46 13.92
CA THR C 122 -6.88 -14.16 14.39
C THR C 122 -7.89 -15.16 13.88
N TYR C 123 -8.78 -15.57 14.77
CA TYR C 123 -9.91 -16.41 14.42
C TYR C 123 -11.07 -15.46 14.39
N LEU C 124 -11.79 -15.49 13.27
CA LEU C 124 -12.92 -14.59 13.07
C LEU C 124 -14.22 -15.35 13.12
N GLN C 125 -15.23 -14.76 13.74
CA GLN C 125 -16.58 -15.29 13.73
C GLN C 125 -17.42 -14.22 13.09
N ASN C 126 -18.15 -14.60 12.05
CA ASN C 126 -18.97 -13.67 11.28
C ASN C 126 -18.26 -12.34 10.99
N GLY C 127 -17.00 -12.40 10.59
CA GLY C 127 -16.26 -11.19 10.25
C GLY C 127 -15.71 -10.39 11.43
N LYS C 128 -16.05 -10.81 12.66
CA LYS C 128 -15.55 -10.13 13.86
C LYS C 128 -14.50 -11.00 14.52
N GLY C 129 -13.42 -10.38 14.97
CA GLY C 129 -12.34 -11.12 15.63
C GLY C 129 -12.87 -11.74 16.90
N ARG C 130 -12.60 -13.03 17.09
CA ARG C 130 -13.03 -13.75 18.27
C ARG C 130 -11.86 -14.12 19.16
N LYS C 131 -10.72 -14.41 18.55
CA LYS C 131 -9.52 -14.65 19.33
C LYS C 131 -8.26 -14.37 18.51
N TYR C 132 -7.31 -13.69 19.14
CA TYR C 132 -6.05 -13.32 18.53
C TYR C 132 -4.91 -13.94 19.32
N PHE C 133 -3.92 -14.48 18.62
CA PHE C 133 -2.70 -14.95 19.27
C PHE C 133 -1.47 -14.31 18.65
N HIS C 134 -0.47 -14.00 19.46
CA HIS C 134 0.82 -13.52 18.92
C HIS C 134 1.43 -14.60 18.05
N HIS C 135 1.26 -15.86 18.45
CA HIS C 135 1.82 -17.00 17.71
C HIS C 135 0.75 -18.01 17.40
N ASN C 136 0.86 -18.69 16.26
CA ASN C 136 -0.15 -19.68 15.92
C ASN C 136 -0.46 -20.63 17.06
N SER C 137 -1.74 -20.67 17.41
CA SER C 137 -2.30 -21.47 18.50
C SER C 137 -3.70 -21.90 18.12
N ASP C 138 -4.09 -23.08 18.60
CA ASP C 138 -5.43 -23.58 18.37
C ASP C 138 -6.41 -22.76 19.19
N PHE C 139 -7.56 -22.48 18.60
CA PHE C 139 -8.64 -21.77 19.24
C PHE C 139 -9.46 -22.78 20.05
N TYR C 140 -9.71 -22.47 21.32
CA TYR C 140 -10.43 -23.38 22.21
C TYR C 140 -11.64 -22.75 22.86
N ILE C 141 -12.82 -23.31 22.59
CA ILE C 141 -13.99 -23.00 23.42
C ILE C 141 -14.28 -24.20 24.33
N PRO C 142 -14.01 -24.07 25.63
CA PRO C 142 -14.19 -25.16 26.62
C PRO C 142 -15.63 -25.67 26.66
N LYS C 143 -16.59 -24.76 26.81
CA LYS C 143 -17.99 -25.16 26.65
C LYS C 143 -18.85 -24.29 25.74
N ALA C 144 -19.23 -24.89 24.61
CA ALA C 144 -20.00 -24.26 23.54
C ALA C 144 -21.31 -23.65 24.00
N THR C 145 -21.67 -22.52 23.39
CA THR C 145 -22.98 -21.89 23.57
C THR C 145 -23.61 -21.70 22.19
N LEU C 146 -24.93 -21.51 22.18
CA LEU C 146 -25.69 -21.21 20.96
C LEU C 146 -25.09 -20.04 20.18
N LYS C 147 -24.60 -19.04 20.89
CA LYS C 147 -24.07 -17.83 20.28
C LYS C 147 -22.72 -18.04 19.56
N ASP C 148 -22.15 -19.25 19.68
CA ASP C 148 -20.86 -19.56 19.05
C ASP C 148 -21.01 -20.06 17.62
N SER C 149 -22.22 -20.42 17.23
CA SER C 149 -22.42 -20.83 15.84
C SER C 149 -22.21 -19.65 14.91
N GLY C 150 -21.76 -19.94 13.70
CA GLY C 150 -21.53 -18.91 12.71
C GLY C 150 -20.42 -19.26 11.74
N SER C 151 -20.00 -18.27 10.97
CA SER C 151 -19.03 -18.47 9.90
C SER C 151 -17.65 -18.08 10.40
N TYR C 152 -16.68 -18.96 10.24
CA TYR C 152 -15.35 -18.74 10.80
C TYR C 152 -14.24 -18.78 9.76
N PHE C 153 -13.22 -17.95 9.93
CA PHE C 153 -11.95 -18.14 9.22
C PHE C 153 -10.81 -17.66 10.10
N CYS C 154 -9.60 -17.91 9.65
CA CYS C 154 -8.44 -17.45 10.38
C CYS C 154 -7.50 -16.80 9.39
N ARG C 155 -6.67 -15.91 9.93
CA ARG C 155 -5.71 -15.18 9.13
C ARG C 155 -4.48 -14.87 9.98
N GLY C 156 -3.38 -14.57 9.30
CA GLY C 156 -2.16 -14.26 10.00
C GLY C 156 -1.05 -13.80 9.10
N LEU C 157 0.13 -13.73 9.67
CA LEU C 157 1.25 -13.23 8.95
C LEU C 157 2.26 -14.37 8.75
N VAL C 158 2.63 -14.60 7.50
CA VAL C 158 3.69 -15.57 7.18
C VAL C 158 4.88 -14.73 6.77
N GLY C 159 5.80 -14.56 7.71
CA GLY C 159 6.80 -13.50 7.59
C GLY C 159 6.09 -12.16 7.58
N SER C 160 5.93 -11.59 6.39
CA SER C 160 5.27 -10.28 6.23
C SER C 160 4.03 -10.35 5.34
N LYS C 161 3.86 -11.50 4.66
CA LYS C 161 2.66 -11.80 3.86
C LYS C 161 1.44 -12.06 4.73
N ASN C 162 0.38 -11.32 4.44
CA ASN C 162 -0.87 -11.41 5.20
C ASN C 162 -1.79 -12.36 4.48
N VAL C 163 -2.06 -13.51 5.07
CA VAL C 163 -2.84 -14.55 4.41
C VAL C 163 -4.09 -14.93 5.19
N SER C 164 -4.98 -15.66 4.53
CA SER C 164 -6.31 -15.89 5.03
C SER C 164 -6.83 -17.27 4.64
N SER C 165 -7.45 -17.98 5.57
CA SER C 165 -8.11 -19.23 5.22
C SER C 165 -9.48 -19.00 4.56
N GLU C 166 -10.02 -20.04 3.92
CA GLU C 166 -11.40 -20.07 3.48
C GLU C 166 -12.28 -20.22 4.72
N THR C 167 -13.52 -19.80 4.54
CA THR C 167 -14.52 -19.82 5.57
C THR C 167 -15.10 -21.24 5.82
N VAL C 168 -15.50 -21.53 7.06
CA VAL C 168 -16.23 -22.76 7.41
C VAL C 168 -17.46 -22.43 8.26
N GLN C 169 -18.53 -23.24 8.15
CA GLN C 169 -19.73 -23.01 8.98
C GLN C 169 -19.68 -23.90 10.23
N ILE C 170 -19.95 -23.31 11.38
CA ILE C 170 -19.96 -24.04 12.64
C ILE C 170 -21.30 -23.83 13.35
N THR C 171 -21.97 -24.94 13.67
CA THR C 171 -23.29 -24.92 14.28
C THR C 171 -23.30 -25.48 15.71
N ILE C 172 -24.09 -24.85 16.58
CA ILE C 172 -24.31 -25.32 17.94
C ILE C 172 -25.81 -25.51 18.20
N THR C 173 -26.20 -26.71 18.64
CA THR C 173 -27.61 -27.09 18.83
C THR C 173 -28.04 -27.13 20.31
N GLN C 174 -29.30 -26.76 20.57
CA GLN C 174 -29.88 -26.76 21.92
C GLN C 174 -30.52 -28.10 22.25
C1 NAG D . -6.42 -4.81 14.52
C2 NAG D . -5.11 -5.07 13.75
C3 NAG D . -4.12 -3.91 13.87
C4 NAG D . -4.83 -2.57 13.63
C5 NAG D . -6.00 -2.47 14.61
C6 NAG D . -6.77 -1.16 14.48
C7 NAG D . -4.67 -7.44 13.59
C8 NAG D . -4.01 -8.68 14.12
N2 NAG D . -4.49 -6.29 14.23
O3 NAG D . -3.14 -4.16 12.88
O4 NAG D . -3.98 -1.46 13.86
O5 NAG D . -6.90 -3.50 14.31
O6 NAG D . -7.28 -1.04 13.16
O7 NAG D . -5.35 -7.50 12.58
C1 NAG D . -3.33 -0.94 12.69
C2 NAG D . -3.03 0.56 12.89
C3 NAG D . -2.12 1.12 11.81
C4 NAG D . -0.85 0.28 11.66
C5 NAG D . -1.20 -1.22 11.54
C6 NAG D . 0.02 -2.09 11.70
C7 NAG D . -4.62 2.06 14.03
C8 NAG D . -5.96 2.75 13.95
N2 NAG D . -4.26 1.32 12.99
O3 NAG D . -1.74 2.46 12.12
O4 NAG D . -0.22 0.58 10.45
O5 NAG D . -2.14 -1.66 12.51
O6 NAG D . -0.32 -3.42 11.38
O7 NAG D . -3.93 2.21 15.03
C1 BMA D . 0.78 1.60 10.52
C2 BMA D . 1.89 1.16 9.61
C3 BMA D . 2.94 2.25 9.52
C4 BMA D . 2.32 3.61 9.16
C5 BMA D . 1.17 3.93 10.08
C6 BMA D . 0.43 5.20 9.70
O2 BMA D . 1.33 0.94 8.32
O3 BMA D . 3.89 1.90 8.52
O4 BMA D . 3.36 4.55 9.38
O5 BMA D . 0.24 2.85 10.06
O6 BMA D . -0.75 5.19 10.47
C1 MAN D . 5.20 1.78 9.12
C2 MAN D . 6.25 2.07 8.06
C3 MAN D . 6.08 1.08 6.93
C4 MAN D . 6.16 -0.35 7.46
C5 MAN D . 5.27 -0.56 8.69
C6 MAN D . 5.56 -1.88 9.39
O2 MAN D . 7.55 1.88 8.60
O3 MAN D . 7.07 1.26 5.97
O4 MAN D . 5.79 -1.21 6.41
O5 MAN D . 5.43 0.49 9.64
O6 MAN D . 4.37 -2.31 10.03
C1 NAG D . 8.04 2.98 9.38
C2 NAG D . 8.95 2.42 10.46
C3 NAG D . 9.47 3.57 11.34
C4 NAG D . 10.19 4.56 10.44
C5 NAG D . 9.24 5.02 9.33
C6 NAG D . 9.87 5.99 8.33
C7 NAG D . 8.64 0.13 11.25
C8 NAG D . 9.78 -0.31 10.36
N2 NAG D . 8.28 1.42 11.26
O3 NAG D . 10.32 3.08 12.38
O4 NAG D . 10.65 5.65 11.22
O5 NAG D . 8.77 3.90 8.60
O6 NAG D . 8.93 6.22 7.29
O7 NAG D . 8.04 -0.69 11.94
C1 MAN D . -1.47 6.43 10.42
C2 MAN D . -2.37 6.55 11.66
C3 MAN D . -3.51 5.53 11.61
C4 MAN D . -4.23 5.55 10.26
C5 MAN D . -3.25 5.54 9.09
C6 MAN D . -4.02 5.77 7.81
O2 MAN D . -2.95 7.82 11.72
O3 MAN D . -4.49 5.81 12.59
O4 MAN D . -5.08 4.43 10.16
O5 MAN D . -2.24 6.55 9.24
O6 MAN D . -3.08 5.72 6.77
C1 NAG D . -2.13 8.79 12.37
C2 NAG D . -2.38 10.13 11.69
C3 NAG D . -1.66 11.26 12.43
C4 NAG D . -2.00 11.22 13.93
C5 NAG D . -1.70 9.84 14.48
C6 NAG D . -2.06 9.76 15.95
C7 NAG D . -2.79 10.04 9.27
C8 NAG D . -2.10 10.02 7.93
N2 NAG D . -1.94 10.10 10.31
O3 NAG D . -2.03 12.50 11.87
O4 NAG D . -1.25 12.20 14.61
O5 NAG D . -2.44 8.88 13.75
O6 NAG D . -3.24 9.01 16.16
O7 NAG D . -4.04 10.00 9.36
C1 NAG D . 3.59 5.51 8.32
C2 NAG D . 4.90 6.21 8.71
C3 NAG D . 5.40 7.15 7.62
C4 NAG D . 5.40 6.42 6.27
C5 NAG D . 4.01 5.82 5.98
C6 NAG D . 3.98 5.06 4.65
C7 NAG D . 5.30 6.43 11.11
C8 NAG D . 5.11 7.31 12.29
N2 NAG D . 4.81 6.91 9.97
O3 NAG D . 6.71 7.57 7.94
O4 NAG D . 5.87 7.29 5.27
O5 NAG D . 3.65 4.93 7.02
O6 NAG D . 3.03 4.01 4.68
O7 NAG D . 5.87 5.33 11.26
C1 NAG E . 16.20 -7.68 -0.55
C2 NAG E . 14.77 -7.57 -0.02
C3 NAG E . 13.70 -7.38 -1.10
C4 NAG E . 14.10 -6.31 -2.11
C5 NAG E . 15.45 -6.74 -2.68
C6 NAG E . 15.93 -5.76 -3.75
C7 NAG E . 14.49 -8.77 2.10
C8 NAG E . 14.06 -10.04 2.77
N2 NAG E . 14.40 -8.73 0.77
O3 NAG E . 12.52 -6.96 -0.47
O4 NAG E . 13.13 -6.16 -3.13
O5 NAG E . 16.39 -6.74 -1.60
O6 NAG E . 17.31 -5.49 -3.61
O7 NAG E . 14.91 -7.82 2.77
C1 NAG E . 12.27 -5.01 -2.94
C2 NAG E . 11.87 -4.38 -4.28
C3 NAG E . 10.85 -3.24 -4.05
C4 NAG E . 9.65 -3.69 -3.19
C5 NAG E . 10.22 -4.31 -1.91
C6 NAG E . 9.11 -4.85 -1.02
C7 NAG E . 13.54 -4.19 -6.13
C8 NAG E . 14.82 -3.51 -6.54
N2 NAG E . 13.06 -3.86 -4.93
O3 NAG E . 10.41 -2.76 -5.30
O4 NAG E . 8.77 -2.66 -2.77
O5 NAG E . 11.12 -5.37 -2.21
O6 NAG E . 9.69 -5.36 0.16
O7 NAG E . 13.00 -4.99 -6.91
C1 BMA E . 7.83 -2.22 -3.76
C2 BMA E . 6.48 -1.86 -3.12
C3 BMA E . 5.61 -1.16 -4.18
C4 BMA E . 6.26 0.14 -4.67
C5 BMA E . 7.48 -0.43 -5.37
C6 BMA E . 8.21 0.59 -6.23
O2 BMA E . 6.75 -1.00 -2.02
O3 BMA E . 4.16 -1.15 -4.01
O4 BMA E . 5.64 0.88 -5.71
O5 BMA E . 8.38 -1.11 -4.46
O6 BMA E . 9.20 -0.14 -6.97
C1 MAN E . 3.66 -0.98 -2.68
C2 MAN E . 2.34 -0.23 -2.69
C3 MAN E . 2.05 0.12 -1.24
C4 MAN E . 2.10 -1.13 -0.33
C5 MAN E . 3.14 -2.19 -0.74
C6 MAN E . 2.71 -3.60 -0.32
O2 MAN E . 1.27 -1.06 -3.12
O3 MAN E . 0.78 0.71 -1.17
O4 MAN E . 2.40 -0.73 0.98
O5 MAN E . 3.40 -2.24 -2.13
O6 MAN E . 3.55 -4.57 -0.94
C1 NAG E . 0.65 -0.66 -4.36
C2 NAG E . -0.21 -1.83 -4.88
C3 NAG E . -0.82 -1.50 -6.24
C4 NAG E . -1.44 -0.11 -6.29
C5 NAG E . -0.55 0.94 -5.60
C6 NAG E . -1.16 2.33 -5.56
C7 NAG E . 0.63 -3.99 -4.05
C8 NAG E . 1.51 -5.16 -4.36
N2 NAG E . 0.58 -3.03 -4.98
O3 NAG E . -1.80 -2.47 -6.58
O4 NAG E . -1.61 0.24 -7.64
O5 NAG E . -0.17 0.49 -4.30
O6 NAG E . -2.58 2.30 -5.54
O7 NAG E . 0.00 -3.94 -2.98
C1 MAN E . 9.84 0.71 -7.92
C2 MAN E . 10.96 -0.06 -8.61
C3 MAN E . 12.10 -0.33 -7.64
C4 MAN E . 12.54 0.92 -6.92
C5 MAN E . 11.36 1.68 -6.35
C6 MAN E . 11.73 3.02 -5.74
O2 MAN E . 11.49 0.71 -9.66
O3 MAN E . 13.21 -0.84 -8.34
O4 MAN E . 13.39 0.54 -5.87
O5 MAN E . 10.37 1.90 -7.36
O6 MAN E . 10.60 3.49 -5.05
C1 NAG E . 10.67 0.69 -10.85
C2 NAG E . 11.07 1.92 -11.66
C3 NAG E . 10.16 2.02 -12.88
C4 NAG E . 10.29 0.74 -13.71
C5 NAG E . 10.20 -0.54 -12.88
C6 NAG E . 10.76 -1.72 -13.67
C7 NAG E . 10.23 3.80 -10.19
C8 NAG E . 10.69 4.95 -9.35
N2 NAG E . 11.20 3.10 -10.79
O3 NAG E . 10.56 3.13 -13.68
O4 NAG E . 9.29 0.72 -14.71
O5 NAG E . 10.89 -0.46 -11.64
O6 NAG E . 11.91 -2.24 -13.03
O7 NAG E . 9.03 3.56 -10.30
C1 NAG E . 4.23 1.12 -5.72
C2 NAG E . 4.03 2.63 -5.54
C3 NAG E . 2.72 3.17 -6.13
C4 NAG E . 2.41 2.53 -7.48
C5 NAG E . 2.46 1.00 -7.36
C6 NAG E . 2.12 0.27 -8.66
C7 NAG E . 4.84 3.91 -3.58
C8 NAG E . 5.70 4.77 -4.48
N2 NAG E . 4.10 2.95 -4.13
O3 NAG E . 2.83 4.57 -6.27
O4 NAG E . 1.12 2.96 -7.86
O5 NAG E . 3.75 0.61 -6.96
O6 NAG E . 3.32 -0.13 -9.30
O7 NAG E . 4.84 4.11 -2.37
C1 NAG F . -4.31 -8.52 7.29
C2 NAG F . -4.41 -7.81 8.63
C3 NAG F . -5.82 -7.29 8.93
C4 NAG F . -6.67 -6.82 7.74
C5 NAG F . -6.59 -7.98 6.76
C6 NAG F . -7.45 -7.78 5.52
C7 NAG F . -3.57 -9.39 10.37
C8 NAG F . -4.06 -10.67 10.94
N2 NAG F . -4.41 -8.96 9.47
O3 NAG F . -5.78 -6.36 9.99
O4 NAG F . -8.03 -6.71 8.12
O5 NAG F . -5.25 -8.07 6.34
O6 NAG F . -7.06 -6.57 4.92
O7 NAG F . -2.53 -8.86 10.74
C1 NAG F . -8.55 -5.37 8.05
C2 NAG F . -10.09 -5.41 8.07
C3 NAG F . -10.70 -4.01 8.11
C4 NAG F . -9.99 -3.12 9.14
C5 NAG F . -8.46 -3.23 8.99
C6 NAG F . -7.73 -2.43 10.03
C7 NAG F . -11.17 -7.30 6.97
C8 NAG F . -11.64 -7.90 5.66
N2 NAG F . -10.60 -6.09 6.90
O3 NAG F . -12.08 -4.15 8.41
O4 NAG F . -10.41 -1.77 9.02
O5 NAG F . -8.08 -4.59 9.10
O6 NAG F . -8.18 -2.90 11.28
O7 NAG F . -11.32 -7.92 8.03
C1 BMA F . -11.20 -1.38 10.15
C2 BMA F . -11.53 0.11 10.11
C3 BMA F . -12.32 0.43 11.39
C4 BMA F . -13.58 -0.40 11.51
C5 BMA F . -13.39 -1.89 11.16
C6 BMA F . -14.58 -2.43 10.42
O2 BMA F . -12.26 0.38 8.92
O3 BMA F . -12.78 1.79 11.64
O4 BMA F . -14.04 -0.24 12.85
O5 BMA F . -12.41 -2.09 10.14
O6 BMA F . -15.63 -2.88 11.29
C1 MAN F . -11.99 2.88 11.13
C2 MAN F . -12.30 4.26 11.73
C3 MAN F . -12.16 5.07 10.46
C4 MAN F . -10.79 4.85 9.78
C5 MAN F . -10.23 3.40 9.84
C6 MAN F . -8.72 3.27 9.64
O2 MAN F . -11.32 4.73 12.64
O3 MAN F . -12.38 6.43 10.74
O4 MAN F . -10.96 5.19 8.42
O5 MAN F . -10.59 2.78 11.06
O6 MAN F . -8.23 2.19 10.40
C1 MAN F . -11.81 4.99 13.98
C2 MAN F . -11.53 6.44 14.39
C3 MAN F . -10.01 6.65 14.52
C4 MAN F . -9.35 5.61 15.45
C5 MAN F . -9.84 4.19 15.14
C6 MAN F . -9.39 3.24 16.24
O2 MAN F . -12.19 6.77 15.60
O3 MAN F . -9.72 7.97 14.93
O4 MAN F . -7.97 5.65 15.29
O5 MAN F . -11.26 4.12 14.97
O6 MAN F . -9.16 1.97 15.66
C1 MAN F . -16.60 -1.85 11.22
C2 MAN F . -17.07 -1.58 9.80
C3 MAN F . -17.94 -0.32 9.81
C4 MAN F . -19.04 -0.48 10.86
C5 MAN F . -18.38 -0.80 12.21
C6 MAN F . -19.33 -0.91 13.41
O2 MAN F . -17.77 -2.69 9.29
O3 MAN F . -18.45 -0.10 8.53
O4 MAN F . -19.82 0.70 10.91
O5 MAN F . -17.70 -2.02 12.09
O6 MAN F . -18.84 -1.86 14.35
C1 MAN F . -17.69 0.92 7.83
C2 MAN F . -17.16 0.39 6.48
C3 MAN F . -18.18 0.54 5.35
C4 MAN F . -19.59 0.87 5.89
C5 MAN F . -19.58 2.08 6.83
C6 MAN F . -20.81 2.11 7.74
O2 MAN F . -16.74 -0.95 6.59
O3 MAN F . -18.26 -0.63 4.57
O4 MAN F . -20.46 1.09 4.80
O5 MAN F . -18.40 2.13 7.65
O6 MAN F . -21.92 2.67 7.06
C1 MAN F . -19.85 -2.85 14.60
C2 MAN F . -19.83 -3.38 16.03
C3 MAN F . -20.95 -4.40 16.28
C4 MAN F . -22.28 -4.03 15.60
C5 MAN F . -22.10 -3.39 14.22
C6 MAN F . -23.37 -2.75 13.67
O2 MAN F . -19.92 -2.31 16.96
O3 MAN F . -21.17 -4.58 17.66
O4 MAN F . -23.03 -5.21 15.47
O5 MAN F . -21.15 -2.36 14.30
O6 MAN F . -23.16 -1.39 13.41
C1 NAG G . -10.79 -38.04 -7.65
C2 NAG G . -9.71 -37.37 -8.47
C3 NAG G . -9.50 -35.94 -7.98
C4 NAG G . -10.81 -35.16 -7.97
C5 NAG G . -11.90 -35.93 -7.27
C6 NAG G . -13.24 -35.29 -7.64
C7 NAG G . -8.12 -39.01 -9.28
C8 NAG G . -6.78 -39.65 -9.12
N2 NAG G . -8.45 -38.08 -8.41
O3 NAG G . -8.61 -35.32 -8.86
O4 NAG G . -10.65 -33.88 -7.36
O5 NAG G . -11.98 -37.27 -7.72
O6 NAG G . -14.00 -35.18 -6.47
O7 NAG G . -8.86 -39.37 -10.19
C1 NAG G . -10.51 -32.84 -8.36
C2 NAG G . -10.83 -31.48 -7.72
C3 NAG G . -10.65 -30.39 -8.77
C4 NAG G . -9.30 -30.49 -9.49
C5 NAG G . -8.99 -31.90 -10.00
C6 NAG G . -7.57 -32.02 -10.58
C7 NAG G . -12.54 -31.57 -5.90
C8 NAG G . -14.02 -31.51 -5.64
N2 NAG G . -12.19 -31.45 -7.19
O3 NAG G . -10.80 -29.11 -8.19
O4 NAG G . -9.30 -29.58 -10.57
O5 NAG G . -9.22 -32.83 -8.94
O6 NAG G . -6.78 -33.14 -10.15
O7 NAG G . -11.76 -31.74 -4.95
C1 MLI H . 5.84 31.68 17.26
C2 MLI H . 4.42 31.18 17.15
C3 MLI H . 6.27 32.29 15.96
O6 MLI H . 3.53 31.83 16.51
O7 MLI H . 4.19 30.10 17.72
O8 MLI H . 5.40 32.81 15.24
O9 MLI H . 7.49 32.25 15.65
#